data_1Q5M
#
_entry.id   1Q5M
#
_cell.length_a   57.540
_cell.length_b   85.270
_cell.length_c   66.150
_cell.angle_alpha   90.00
_cell.angle_beta   91.48
_cell.angle_gamma   90.00
#
_symmetry.space_group_name_H-M   'P 1 21 1'
#
loop_
_entity.id
_entity.type
_entity.pdbx_description
1 polymer 'Prostaglandin-E2 9-reductase'
2 non-polymer 'SULFATE ION'
3 non-polymer 'NADPH DIHYDRO-NICOTINAMIDE-ADENINE-DINUCLEOTIDE PHOSPHATE'
4 water water
#
_entity_poly.entity_id   1
_entity_poly.type   'polypeptide(L)'
_entity_poly.pdbx_seq_one_letter_code
;DPKFQRVALSDGHFIPVLGFGTYAPEEVPKSKAMEATKIAIDAGFRHIDSAYFYKNEKEVGLAIRSKIADGTVKREDIFY
TSKLWCTFHRPELVRPSLEDSLKNLQLDYVDLYIIHFPTALKPGVEIIPTDEHGKAIFDTVDICATWEAMEKCKDAGLAK
SIGVSNFNRRQLEMILNKPGLKYKPVCNQVECHPYLNQGKLLEFCKSKGIVLVAYSALGSHREPEWVDQSAPVLLEDPLI
GALAKKHQQTPALIALRYQLQRGIVVLAKSFTEKRIKENIQVFEFQLPSEDMKVIDSLNRNFRYVTADFAIGHPNYPFSD
EY
;
_entity_poly.pdbx_strand_id   A,B
#
# COMPACT_ATOMS: atom_id res chain seq x y z
N ASP A 1 -21.60 -5.20 -29.73
CA ASP A 1 -22.02 -3.99 -28.97
C ASP A 1 -20.97 -2.87 -29.13
N PRO A 2 -21.38 -1.69 -29.57
CA PRO A 2 -20.47 -0.58 -29.75
C PRO A 2 -19.66 -0.30 -28.50
N LYS A 3 -20.14 -0.60 -27.25
CA LYS A 3 -19.29 -0.27 -26.13
C LYS A 3 -18.00 -1.09 -25.98
N PHE A 4 -17.85 -2.14 -26.78
CA PHE A 4 -16.64 -2.95 -26.75
C PHE A 4 -15.70 -2.53 -27.83
N GLN A 5 -15.97 -1.44 -28.57
CA GLN A 5 -15.11 -1.12 -29.68
C GLN A 5 -13.70 -0.71 -29.27
N ARG A 6 -12.78 -1.12 -30.16
CA ARG A 6 -11.35 -0.92 -29.97
C ARG A 6 -10.74 -0.19 -31.12
N VAL A 7 -9.60 0.41 -30.92
CA VAL A 7 -8.75 1.19 -31.87
C VAL A 7 -7.44 0.36 -32.08
N ALA A 8 -6.91 0.23 -33.27
CA ALA A 8 -5.67 -0.45 -33.57
C ALA A 8 -4.47 0.29 -33.08
N LEU A 9 -3.59 -0.38 -32.33
CA LEU A 9 -2.28 0.14 -32.00
C LEU A 9 -1.29 -0.26 -33.03
N SER A 10 -0.17 0.50 -33.14
CA SER A 10 0.80 0.27 -34.18
C SER A 10 1.46 -1.09 -34.15
N ASP A 11 1.45 -1.78 -33.02
CA ASP A 11 2.06 -3.05 -32.86
C ASP A 11 1.18 -4.24 -33.12
N GLY A 12 -0.01 -3.98 -33.58
CA GLY A 12 -0.92 -5.05 -33.92
C GLY A 12 -1.87 -5.40 -32.85
N HIS A 13 -1.74 -4.79 -31.63
CA HIS A 13 -2.76 -5.02 -30.58
C HIS A 13 -3.87 -3.94 -30.70
N PHE A 14 -4.91 -4.07 -29.92
CA PHE A 14 -6.10 -3.25 -29.98
C PHE A 14 -6.53 -2.81 -28.61
N ILE A 15 -6.87 -1.51 -28.51
CA ILE A 15 -7.16 -0.90 -27.19
C ILE A 15 -8.65 -0.44 -27.13
N PRO A 16 -9.45 -0.82 -26.12
CA PRO A 16 -10.78 -0.27 -26.04
C PRO A 16 -10.80 1.24 -25.97
N VAL A 17 -11.71 1.89 -26.71
CA VAL A 17 -11.69 3.35 -26.85
C VAL A 17 -12.10 4.08 -25.62
N LEU A 18 -12.86 3.45 -24.73
CA LEU A 18 -13.21 4.03 -23.42
C LEU A 18 -12.53 3.25 -22.31
N GLY A 19 -11.80 3.93 -21.47
CA GLY A 19 -11.15 3.28 -20.32
C GLY A 19 -11.65 3.77 -19.03
N PHE A 20 -11.51 2.93 -18.00
CA PHE A 20 -11.86 3.18 -16.66
C PHE A 20 -10.71 3.64 -15.82
N GLY A 21 -10.74 4.89 -15.33
CA GLY A 21 -9.65 5.40 -14.51
C GLY A 21 -9.79 4.98 -13.10
N THR A 22 -8.67 4.75 -12.42
CA THR A 22 -8.63 4.15 -11.05
C THR A 22 -7.93 5.04 -10.07
N TYR A 23 -7.38 6.24 -10.39
CA TYR A 23 -6.77 7.08 -9.40
C TYR A 23 -7.86 7.72 -8.53
N ALA A 24 -7.59 7.85 -7.25
CA ALA A 24 -8.39 8.72 -6.39
C ALA A 24 -7.52 9.37 -5.37
N PRO A 25 -7.95 10.52 -4.82
CA PRO A 25 -7.20 11.19 -3.80
C PRO A 25 -6.75 10.27 -2.64
N GLU A 26 -5.67 10.68 -1.99
CA GLU A 26 -5.01 9.79 -1.03
C GLU A 26 -5.94 9.50 0.08
N GLU A 27 -6.87 10.32 0.50
CA GLU A 27 -7.78 9.96 1.62
C GLU A 27 -8.74 8.88 1.28
N VAL A 28 -8.93 8.58 0.00
CA VAL A 28 -9.87 7.50 -0.40
C VAL A 28 -9.15 6.15 -0.23
N PRO A 29 -9.77 5.21 0.49
CA PRO A 29 -9.10 3.92 0.59
C PRO A 29 -8.99 3.20 -0.73
N LYS A 30 -7.95 2.36 -0.90
CA LYS A 30 -7.75 1.69 -2.09
C LYS A 30 -8.85 0.64 -2.39
N SER A 31 -9.51 0.18 -1.35
CA SER A 31 -10.71 -0.70 -1.54
C SER A 31 -11.72 -0.17 -2.44
N LYS A 32 -11.90 1.18 -2.45
CA LYS A 32 -12.95 1.72 -3.30
C LYS A 32 -12.56 1.52 -4.75
N ALA A 33 -11.31 1.48 -5.14
CA ALA A 33 -10.94 1.11 -6.48
C ALA A 33 -11.23 -0.28 -6.87
N MET A 34 -11.09 -1.19 -5.91
CA MET A 34 -11.51 -2.53 -6.10
C MET A 34 -12.99 -2.63 -6.38
N GLU A 35 -13.77 -2.07 -5.49
CA GLU A 35 -15.25 -2.16 -5.63
C GLU A 35 -15.70 -1.53 -6.91
N ALA A 36 -15.17 -0.40 -7.28
CA ALA A 36 -15.60 0.32 -8.47
C ALA A 36 -15.17 -0.38 -9.73
N THR A 37 -14.01 -1.01 -9.75
CA THR A 37 -13.55 -1.71 -10.93
C THR A 37 -14.43 -2.91 -11.17
N LYS A 38 -14.90 -3.59 -10.15
CA LYS A 38 -15.87 -4.66 -10.33
C LYS A 38 -17.17 -4.20 -11.01
N ILE A 39 -17.70 -3.10 -10.52
CA ILE A 39 -18.90 -2.47 -11.06
C ILE A 39 -18.59 -2.06 -12.50
N ALA A 40 -17.47 -1.43 -12.80
CA ALA A 40 -17.15 -1.05 -14.14
C ALA A 40 -17.15 -2.20 -15.08
N ILE A 41 -16.54 -3.27 -14.68
CA ILE A 41 -16.52 -4.46 -15.53
C ILE A 41 -17.93 -5.00 -15.76
N ASP A 42 -18.71 -5.05 -14.74
CA ASP A 42 -20.11 -5.44 -14.90
C ASP A 42 -20.83 -4.54 -15.88
N ALA A 43 -20.52 -3.24 -15.90
CA ALA A 43 -21.20 -2.28 -16.76
C ALA A 43 -20.71 -2.35 -18.19
N GLY A 44 -19.59 -3.01 -18.46
CA GLY A 44 -19.05 -3.15 -19.79
C GLY A 44 -17.70 -2.58 -20.07
N PHE A 45 -17.08 -1.95 -19.05
CA PHE A 45 -15.70 -1.46 -19.23
C PHE A 45 -14.76 -2.67 -19.32
N ARG A 46 -13.80 -2.54 -20.15
CA ARG A 46 -12.79 -3.60 -20.38
C ARG A 46 -11.40 -3.02 -20.30
N HIS A 47 -11.17 -1.77 -20.66
CA HIS A 47 -9.90 -1.05 -20.47
C HIS A 47 -9.86 -0.43 -19.10
N ILE A 48 -8.83 -0.76 -18.32
CA ILE A 48 -8.67 -0.31 -16.93
C ILE A 48 -7.34 0.36 -16.80
N ASP A 49 -7.25 1.60 -16.36
CA ASP A 49 -6.00 2.37 -16.28
C ASP A 49 -5.57 2.51 -14.84
N SER A 50 -4.38 2.05 -14.50
CA SER A 50 -3.75 2.25 -13.19
C SER A 50 -2.26 2.58 -13.38
N ALA A 51 -1.53 2.50 -12.28
CA ALA A 51 -0.14 2.97 -12.26
C ALA A 51 0.51 2.47 -10.98
N TYR A 52 1.82 2.26 -10.97
CA TYR A 52 2.50 2.05 -9.71
C TYR A 52 2.23 3.12 -8.71
N PHE A 53 2.19 4.37 -9.16
CA PHE A 53 2.06 5.55 -8.31
C PHE A 53 0.70 5.52 -7.58
N TYR A 54 -0.33 4.86 -8.08
CA TYR A 54 -1.66 4.87 -7.46
C TYR A 54 -1.74 3.98 -6.30
N LYS A 55 -0.80 3.03 -6.11
CA LYS A 55 -0.77 2.19 -4.90
C LYS A 55 -2.03 1.40 -4.78
N ASN A 56 -2.60 0.97 -5.89
CA ASN A 56 -3.90 0.28 -5.91
C ASN A 56 -3.83 -1.03 -6.72
N GLU A 57 -2.66 -1.51 -7.14
CA GLU A 57 -2.63 -2.62 -8.06
C GLU A 57 -2.99 -3.94 -7.41
N LYS A 58 -2.79 -4.11 -6.09
CA LYS A 58 -3.32 -5.34 -5.48
C LYS A 58 -4.84 -5.32 -5.49
N GLU A 59 -5.44 -4.18 -5.25
CA GLU A 59 -6.88 -4.03 -5.21
C GLU A 59 -7.50 -4.11 -6.59
N VAL A 60 -6.94 -3.44 -7.56
CA VAL A 60 -7.47 -3.51 -8.98
C VAL A 60 -7.28 -4.93 -9.52
N GLY A 61 -6.13 -5.54 -9.20
CA GLY A 61 -5.89 -6.94 -9.60
C GLY A 61 -6.89 -7.84 -9.02
N LEU A 62 -7.22 -7.66 -7.75
CA LEU A 62 -8.29 -8.50 -7.13
C LEU A 62 -9.59 -8.32 -7.83
N ALA A 63 -9.97 -7.11 -8.14
CA ALA A 63 -11.20 -6.87 -8.87
C ALA A 63 -11.21 -7.65 -10.20
N ILE A 64 -10.13 -7.47 -10.98
CA ILE A 64 -10.08 -8.12 -12.28
C ILE A 64 -10.14 -9.63 -12.08
N ARG A 65 -9.36 -10.20 -11.20
CA ARG A 65 -9.33 -11.67 -11.00
C ARG A 65 -10.71 -12.18 -10.45
N SER A 66 -11.45 -11.34 -9.68
CA SER A 66 -12.78 -11.75 -9.19
C SER A 66 -13.69 -11.83 -10.36
N LYS A 67 -13.56 -10.96 -11.33
CA LYS A 67 -14.47 -10.93 -12.50
C LYS A 67 -14.09 -11.98 -13.50
N ILE A 68 -12.86 -12.53 -13.40
CA ILE A 68 -12.45 -13.65 -14.24
C ILE A 68 -12.96 -14.85 -13.64
N ALA A 69 -12.90 -14.94 -12.31
CA ALA A 69 -13.35 -16.12 -11.55
C ALA A 69 -14.87 -16.26 -11.58
N ASP A 70 -15.66 -15.22 -11.45
CA ASP A 70 -17.15 -15.32 -11.53
C ASP A 70 -17.63 -15.39 -12.98
N GLY A 71 -16.73 -15.50 -13.95
CA GLY A 71 -16.94 -15.63 -15.41
C GLY A 71 -17.47 -14.43 -16.23
N THR A 72 -17.44 -13.28 -15.63
CA THR A 72 -17.95 -12.13 -16.36
C THR A 72 -17.05 -11.85 -17.54
N VAL A 73 -15.73 -12.02 -17.33
CA VAL A 73 -14.73 -11.84 -18.38
C VAL A 73 -13.65 -12.96 -18.31
N LYS A 74 -12.94 -13.00 -19.41
CA LYS A 74 -11.71 -13.76 -19.48
C LYS A 74 -10.57 -12.73 -19.46
N ARG A 75 -9.38 -13.17 -19.10
CA ARG A 75 -8.21 -12.28 -19.09
C ARG A 75 -8.02 -11.55 -20.39
N GLU A 76 -8.20 -12.21 -21.51
CA GLU A 76 -8.05 -11.60 -22.78
C GLU A 76 -9.10 -10.55 -23.11
N ASP A 77 -10.23 -10.49 -22.42
CA ASP A 77 -11.23 -9.48 -22.62
C ASP A 77 -10.82 -8.14 -21.90
N ILE A 78 -9.92 -8.22 -20.96
CA ILE A 78 -9.52 -7.04 -20.14
C ILE A 78 -8.30 -6.44 -20.75
N PHE A 79 -8.27 -5.14 -20.82
CA PHE A 79 -7.06 -4.41 -21.30
C PHE A 79 -6.60 -3.60 -20.07
N TYR A 80 -5.52 -4.01 -19.43
CA TYR A 80 -5.04 -3.33 -18.21
C TYR A 80 -3.75 -2.58 -18.51
N THR A 81 -3.69 -1.33 -18.12
CA THR A 81 -2.53 -0.45 -18.22
C THR A 81 -1.91 -0.17 -16.87
N SER A 82 -0.58 -0.24 -16.82
CA SER A 82 0.19 0.28 -15.68
C SER A 82 1.26 1.30 -16.18
N LYS A 83 1.93 1.93 -15.24
CA LYS A 83 2.86 2.99 -15.57
C LYS A 83 4.08 2.89 -14.69
N LEU A 84 5.22 3.09 -15.35
CA LEU A 84 6.57 3.17 -14.71
C LEU A 84 6.70 4.53 -14.04
N TRP A 85 6.91 4.55 -12.75
CA TRP A 85 7.09 5.77 -12.02
C TRP A 85 8.46 6.34 -12.16
N CYS A 86 8.60 7.64 -11.89
CA CYS A 86 9.81 8.36 -12.18
C CYS A 86 11.05 7.97 -11.42
N THR A 87 10.89 7.32 -10.29
CA THR A 87 12.06 6.84 -9.51
C THR A 87 12.51 5.52 -10.01
N PHE A 88 11.98 4.97 -11.08
CA PHE A 88 12.39 3.71 -11.66
C PHE A 88 12.84 3.81 -13.09
N HIS A 89 13.18 5.02 -13.53
CA HIS A 89 13.61 5.21 -14.89
C HIS A 89 14.97 4.57 -15.24
N ARG A 90 15.81 4.39 -14.24
CA ARG A 90 17.11 3.77 -14.56
C ARG A 90 16.93 2.39 -15.17
N PRO A 91 17.61 2.05 -16.28
CA PRO A 91 17.29 0.82 -17.05
C PRO A 91 17.20 -0.41 -16.17
N GLU A 92 18.11 -0.58 -15.26
CA GLU A 92 18.10 -1.75 -14.38
C GLU A 92 16.92 -1.88 -13.44
N LEU A 93 16.20 -0.77 -13.28
CA LEU A 93 15.05 -0.76 -12.38
C LEU A 93 13.71 -0.95 -13.11
N VAL A 94 13.67 -0.94 -14.43
CA VAL A 94 12.41 -0.93 -15.17
C VAL A 94 11.76 -2.30 -15.12
N ARG A 95 12.39 -3.40 -15.56
CA ARG A 95 11.75 -4.68 -15.51
C ARG A 95 11.45 -5.09 -14.08
N PRO A 96 12.31 -4.90 -13.11
CA PRO A 96 11.92 -5.26 -11.75
C PRO A 96 10.67 -4.50 -11.29
N SER A 97 10.52 -3.23 -11.69
CA SER A 97 9.29 -2.58 -11.31
C SER A 97 8.06 -3.16 -11.93
N LEU A 98 8.09 -3.50 -13.20
CA LEU A 98 6.99 -4.12 -13.84
C LEU A 98 6.72 -5.48 -13.20
N GLU A 99 7.75 -6.29 -12.94
CA GLU A 99 7.54 -7.52 -12.23
C GLU A 99 6.89 -7.36 -10.86
N ASP A 100 7.24 -6.30 -10.13
CA ASP A 100 6.54 -6.03 -8.88
C ASP A 100 5.11 -5.72 -9.07
N SER A 101 4.79 -4.90 -10.02
CA SER A 101 3.38 -4.64 -10.34
C SER A 101 2.65 -5.96 -10.62
N LEU A 102 3.23 -6.83 -11.46
CA LEU A 102 2.63 -8.07 -11.85
C LEU A 102 2.43 -9.01 -10.68
N LYS A 103 3.39 -9.02 -9.74
CA LYS A 103 3.22 -9.80 -8.51
C LYS A 103 2.06 -9.25 -7.65
N ASN A 104 1.92 -7.92 -7.54
CA ASN A 104 0.82 -7.29 -6.78
C ASN A 104 -0.50 -7.55 -7.48
N LEU A 105 -0.57 -7.48 -8.80
CA LEU A 105 -1.81 -7.79 -9.56
C LEU A 105 -2.16 -9.28 -9.54
N GLN A 106 -1.19 -10.14 -9.36
CA GLN A 106 -1.26 -11.60 -9.64
C GLN A 106 -1.69 -11.93 -11.04
N LEU A 107 -1.17 -11.15 -11.98
CA LEU A 107 -1.37 -11.34 -13.38
C LEU A 107 -0.04 -11.66 -14.08
N ASP A 108 -0.04 -12.31 -15.22
CA ASP A 108 1.17 -12.68 -15.94
C ASP A 108 1.70 -11.64 -16.84
N TYR A 109 0.86 -10.67 -17.28
CA TYR A 109 1.29 -9.57 -18.15
C TYR A 109 0.31 -8.38 -17.93
N VAL A 110 0.80 -7.23 -18.28
CA VAL A 110 -0.08 -6.05 -18.51
C VAL A 110 -0.34 -5.87 -19.98
N ASP A 111 -1.49 -5.35 -20.37
CA ASP A 111 -1.67 -5.05 -21.80
C ASP A 111 -0.85 -3.86 -22.24
N LEU A 112 -0.63 -2.95 -21.35
CA LEU A 112 0.09 -1.74 -21.73
C LEU A 112 0.94 -1.25 -20.59
N TYR A 113 2.20 -0.93 -20.83
CA TYR A 113 3.04 -0.36 -19.80
C TYR A 113 3.61 0.91 -20.37
N ILE A 114 3.43 2.04 -19.67
CA ILE A 114 3.84 3.29 -20.18
C ILE A 114 4.74 4.05 -19.22
N ILE A 115 5.67 4.86 -19.73
CA ILE A 115 6.47 5.77 -18.90
C ILE A 115 5.55 6.89 -18.40
N HIS A 116 5.37 7.00 -17.07
CA HIS A 116 4.36 7.88 -16.48
C HIS A 116 4.67 9.34 -16.76
N PHE A 117 5.90 9.78 -16.63
CA PHE A 117 6.34 11.09 -16.95
C PHE A 117 7.75 11.11 -17.46
N PRO A 118 8.20 12.09 -18.19
CA PRO A 118 9.50 12.02 -18.78
C PRO A 118 10.64 12.44 -17.82
N THR A 119 10.36 12.79 -16.58
CA THR A 119 11.31 13.32 -15.64
C THR A 119 11.76 12.33 -14.60
N ALA A 120 12.96 11.77 -14.71
CA ALA A 120 13.44 10.81 -13.77
C ALA A 120 13.69 11.49 -12.42
N LEU A 121 13.43 10.82 -11.32
CA LEU A 121 13.68 11.26 -9.94
C LEU A 121 14.61 10.29 -9.26
N LYS A 122 15.22 10.81 -8.18
CA LYS A 122 16.17 9.99 -7.48
C LYS A 122 15.57 8.67 -6.98
N PRO A 123 16.20 7.56 -7.28
CA PRO A 123 15.72 6.34 -6.75
C PRO A 123 15.86 6.14 -5.26
N GLY A 124 14.91 5.45 -4.74
CA GLY A 124 15.04 5.17 -3.38
C GLY A 124 13.72 4.73 -2.84
N VAL A 125 13.62 4.80 -1.53
CA VAL A 125 12.40 4.49 -0.89
C VAL A 125 11.19 5.42 -1.10
N GLU A 126 11.43 6.72 -1.28
CA GLU A 126 10.39 7.69 -1.37
C GLU A 126 9.88 7.68 -2.82
N ILE A 127 8.58 7.87 -2.90
CA ILE A 127 7.95 7.94 -4.26
C ILE A 127 8.24 9.32 -4.90
N ILE A 128 8.28 10.38 -4.08
CA ILE A 128 8.78 11.69 -4.51
C ILE A 128 9.81 12.11 -3.46
N PRO A 129 11.03 11.74 -3.71
CA PRO A 129 12.07 12.14 -2.71
C PRO A 129 12.16 13.66 -2.71
N THR A 130 12.31 14.29 -1.54
CA THR A 130 12.57 15.70 -1.49
C THR A 130 13.81 16.11 -0.66
N ASP A 131 14.28 17.31 -0.89
CA ASP A 131 15.15 17.96 0.05
C ASP A 131 14.42 18.62 1.22
N GLU A 132 15.23 19.21 2.09
CA GLU A 132 14.84 19.95 3.30
C GLU A 132 13.74 20.98 3.14
N HIS A 133 13.60 21.46 1.91
CA HIS A 133 12.67 22.56 1.61
C HIS A 133 11.42 22.00 0.96
N GLY A 134 11.36 20.68 0.75
CA GLY A 134 10.15 20.03 0.28
C GLY A 134 10.12 19.96 -1.24
N LYS A 135 11.27 20.28 -1.86
CA LYS A 135 11.39 20.14 -3.32
C LYS A 135 11.93 18.78 -3.74
N ALA A 136 11.34 18.24 -4.80
CA ALA A 136 11.78 16.97 -5.41
C ALA A 136 13.20 16.91 -5.87
N ILE A 137 13.85 15.77 -5.66
CA ILE A 137 15.18 15.45 -6.12
C ILE A 137 15.30 14.75 -7.43
N PHE A 138 15.93 15.38 -8.37
CA PHE A 138 15.97 14.90 -9.73
C PHE A 138 16.98 13.84 -9.90
N ASP A 139 16.89 13.11 -11.03
CA ASP A 139 17.93 12.20 -11.51
C ASP A 139 18.23 12.46 -12.91
N THR A 140 19.38 12.04 -13.42
CA THR A 140 19.77 12.17 -14.81
C THR A 140 19.83 10.82 -15.49
N VAL A 141 18.79 10.52 -16.29
CA VAL A 141 18.71 9.26 -17.00
C VAL A 141 18.25 9.60 -18.38
N ASP A 142 18.86 9.00 -19.40
CA ASP A 142 18.50 9.15 -20.76
C ASP A 142 17.16 8.50 -20.96
N ILE A 143 16.19 9.25 -21.46
CA ILE A 143 14.85 8.66 -21.74
C ILE A 143 14.94 7.53 -22.77
N CYS A 144 15.89 7.58 -23.68
CA CYS A 144 16.07 6.49 -24.65
C CYS A 144 16.58 5.21 -23.97
N ALA A 145 17.37 5.36 -22.89
CA ALA A 145 17.85 4.20 -22.19
C ALA A 145 16.65 3.55 -21.44
N THR A 146 15.80 4.36 -20.86
CA THR A 146 14.57 3.88 -20.25
C THR A 146 13.73 3.18 -21.29
N TRP A 147 13.62 3.79 -22.46
CA TRP A 147 12.84 3.13 -23.51
C TRP A 147 13.32 1.78 -23.94
N GLU A 148 14.65 1.64 -24.14
CA GLU A 148 15.12 0.33 -24.48
C GLU A 148 14.78 -0.72 -23.40
N ALA A 149 14.82 -0.34 -22.12
CA ALA A 149 14.43 -1.30 -21.11
C ALA A 149 12.91 -1.62 -21.19
N MET A 150 12.06 -0.67 -21.65
CA MET A 150 10.67 -0.95 -21.87
C MET A 150 10.52 -1.94 -23.02
N GLU A 151 11.32 -1.79 -24.08
CA GLU A 151 11.26 -2.72 -25.21
C GLU A 151 11.59 -4.13 -24.79
N LYS A 152 12.58 -4.25 -23.90
CA LYS A 152 12.90 -5.59 -23.38
C LYS A 152 11.71 -6.20 -22.61
N CYS A 153 10.93 -5.39 -21.89
CA CYS A 153 9.72 -5.88 -21.26
C CYS A 153 8.71 -6.40 -22.21
N LYS A 154 8.52 -5.75 -23.38
CA LYS A 154 7.65 -6.31 -24.42
C LYS A 154 8.22 -7.61 -24.93
N ASP A 155 9.51 -7.60 -25.25
CA ASP A 155 10.09 -8.86 -25.72
C ASP A 155 9.95 -10.00 -24.78
N ALA A 156 9.97 -9.76 -23.46
CA ALA A 156 9.80 -10.78 -22.39
C ALA A 156 8.35 -11.23 -22.22
N GLY A 157 7.39 -10.57 -22.89
CA GLY A 157 6.04 -10.94 -22.78
C GLY A 157 5.34 -10.31 -21.56
N LEU A 158 6.02 -9.46 -20.82
CA LEU A 158 5.44 -8.93 -19.57
C LEU A 158 4.50 -7.76 -19.78
N ALA A 159 4.68 -7.09 -20.92
CA ALA A 159 3.80 -5.98 -21.43
C ALA A 159 3.45 -6.34 -22.87
N LYS A 160 2.18 -6.43 -23.21
CA LYS A 160 1.80 -6.71 -24.60
C LYS A 160 2.19 -5.51 -25.45
N SER A 161 2.01 -4.25 -24.98
CA SER A 161 2.32 -3.08 -25.69
C SER A 161 3.03 -2.07 -24.77
N ILE A 162 3.78 -1.15 -25.28
CA ILE A 162 4.48 -0.14 -24.47
C ILE A 162 4.23 1.22 -25.10
N GLY A 163 4.21 2.23 -24.24
CA GLY A 163 3.94 3.59 -24.63
C GLY A 163 4.48 4.61 -23.62
N VAL A 164 3.99 5.85 -23.71
CA VAL A 164 4.42 6.94 -22.88
C VAL A 164 3.25 7.78 -22.39
N SER A 165 3.55 8.68 -21.44
CA SER A 165 2.53 9.55 -20.85
C SER A 165 3.23 10.86 -20.58
N ASN A 166 2.49 11.97 -20.81
CA ASN A 166 3.00 13.32 -20.49
C ASN A 166 4.27 13.66 -21.26
N PHE A 167 4.40 13.14 -22.48
CA PHE A 167 5.49 13.51 -23.35
C PHE A 167 5.05 14.60 -24.30
N ASN A 168 5.93 15.52 -24.57
CA ASN A 168 5.73 16.49 -25.66
C ASN A 168 6.27 16.04 -26.97
N ARG A 169 6.04 16.86 -28.01
CA ARG A 169 6.40 16.47 -29.37
C ARG A 169 7.89 16.22 -29.50
N ARG A 170 8.73 17.07 -28.83
CA ARG A 170 10.22 16.92 -28.89
C ARG A 170 10.65 15.58 -28.32
N GLN A 171 9.97 15.22 -27.17
CA GLN A 171 10.27 14.01 -26.46
C GLN A 171 9.81 12.78 -27.22
N LEU A 172 8.63 12.82 -27.82
CA LEU A 172 8.27 11.72 -28.72
C LEU A 172 9.26 11.57 -29.89
N GLU A 173 9.72 12.65 -30.46
CA GLU A 173 10.73 12.55 -31.57
C GLU A 173 11.96 11.91 -31.09
N MET A 174 12.45 12.20 -29.89
CA MET A 174 13.62 11.53 -29.32
C MET A 174 13.50 10.04 -29.41
N ILE A 175 12.37 9.49 -29.02
CA ILE A 175 12.23 8.02 -29.10
C ILE A 175 12.05 7.56 -30.53
N LEU A 176 11.25 8.32 -31.27
CA LEU A 176 10.99 7.90 -32.67
C LEU A 176 12.27 7.83 -33.48
N ASN A 177 13.19 8.75 -33.19
CA ASN A 177 14.42 8.92 -33.89
C ASN A 177 15.56 8.11 -33.23
N LYS A 178 15.32 7.26 -32.25
CA LYS A 178 16.40 6.56 -31.48
C LYS A 178 17.07 5.59 -32.45
N PRO A 179 18.42 5.61 -32.58
CA PRO A 179 19.03 4.59 -33.35
C PRO A 179 18.73 3.22 -32.74
N GLY A 180 18.35 2.31 -33.61
CA GLY A 180 18.13 0.94 -33.12
C GLY A 180 16.76 0.75 -32.65
N LEU A 181 15.91 1.78 -32.79
CA LEU A 181 14.57 1.69 -32.16
C LEU A 181 13.91 0.42 -32.58
N LYS A 182 13.33 -0.33 -31.64
CA LYS A 182 12.62 -1.56 -32.09
C LYS A 182 11.13 -1.44 -32.10
N TYR A 183 10.59 -0.77 -31.07
CA TYR A 183 9.16 -0.59 -30.90
C TYR A 183 8.82 0.90 -30.70
N LYS A 184 7.94 1.45 -31.52
CA LYS A 184 7.48 2.79 -31.37
C LYS A 184 6.50 2.86 -30.17
N PRO A 185 6.45 3.96 -29.40
CA PRO A 185 5.40 4.08 -28.33
C PRO A 185 4.05 3.99 -28.98
N VAL A 186 3.17 3.17 -28.51
CA VAL A 186 1.88 2.98 -29.16
C VAL A 186 0.92 4.07 -28.81
N CYS A 187 1.20 4.84 -27.73
CA CYS A 187 0.32 5.90 -27.23
C CYS A 187 1.12 6.92 -26.57
N ASN A 188 0.46 8.04 -26.40
CA ASN A 188 0.83 9.08 -25.50
C ASN A 188 -0.37 9.48 -24.68
N GLN A 189 -0.35 9.15 -23.37
CA GLN A 189 -1.42 9.46 -22.48
C GLN A 189 -1.19 10.83 -21.90
N VAL A 190 -2.05 11.79 -22.17
CA VAL A 190 -1.93 13.19 -21.80
C VAL A 190 -3.23 13.78 -21.29
N GLU A 191 -3.13 14.86 -20.56
CA GLU A 191 -4.33 15.59 -20.17
C GLU A 191 -5.08 16.03 -21.38
N CYS A 192 -6.39 15.87 -21.44
CA CYS A 192 -7.12 16.40 -22.63
C CYS A 192 -8.59 16.52 -22.25
N HIS A 193 -9.13 17.65 -22.61
CA HIS A 193 -10.53 18.03 -22.31
C HIS A 193 -10.84 19.31 -23.04
N PRO A 194 -12.02 19.87 -23.04
CA PRO A 194 -12.29 21.06 -23.82
C PRO A 194 -11.43 22.24 -23.43
N TYR A 195 -10.91 22.38 -22.23
CA TYR A 195 -10.06 23.51 -21.88
C TYR A 195 -8.66 23.37 -22.32
N LEU A 196 -8.23 22.20 -22.70
CA LEU A 196 -6.89 21.79 -23.15
C LEU A 196 -7.07 20.75 -24.23
N ASN A 197 -7.56 21.11 -25.38
CA ASN A 197 -7.97 20.11 -26.37
C ASN A 197 -6.89 19.39 -27.13
N GLN A 198 -5.64 19.87 -26.96
CA GLN A 198 -4.49 19.11 -27.50
C GLN A 198 -4.46 19.05 -29.01
N GLY A 199 -5.13 19.96 -29.68
CA GLY A 199 -5.24 19.80 -31.16
C GLY A 199 -3.91 19.62 -31.86
N LYS A 200 -2.88 20.34 -31.48
CA LYS A 200 -1.56 20.26 -32.17
C LYS A 200 -0.85 18.94 -31.86
N LEU A 201 -0.87 18.54 -30.57
CA LEU A 201 -0.26 17.24 -30.24
C LEU A 201 -1.03 16.05 -30.85
N LEU A 202 -2.35 16.18 -30.89
CA LEU A 202 -3.16 15.13 -31.52
C LEU A 202 -2.78 14.97 -32.98
N GLU A 203 -2.70 16.06 -33.69
CA GLU A 203 -2.34 15.99 -35.12
C GLU A 203 -0.92 15.35 -35.31
N PHE A 204 0.01 15.70 -34.42
CA PHE A 204 1.34 15.16 -34.49
C PHE A 204 1.28 13.62 -34.26
N CYS A 205 0.61 13.28 -33.16
CA CYS A 205 0.48 11.83 -32.85
C CYS A 205 -0.17 11.06 -33.99
N LYS A 206 -1.24 11.62 -34.52
CA LYS A 206 -1.90 10.90 -35.62
C LYS A 206 -0.94 10.73 -36.83
N SER A 207 -0.11 11.73 -37.07
CA SER A 207 0.87 11.75 -38.28
C SER A 207 1.89 10.63 -38.09
N LYS A 208 2.12 10.22 -36.85
CA LYS A 208 3.08 9.23 -36.52
C LYS A 208 2.56 7.86 -36.16
N GLY A 209 1.20 7.76 -36.16
CA GLY A 209 0.52 6.50 -35.80
C GLY A 209 0.46 6.18 -34.32
N ILE A 210 0.64 7.23 -33.50
CA ILE A 210 0.57 7.10 -32.05
C ILE A 210 -0.84 7.47 -31.58
N VAL A 211 -1.49 6.65 -30.76
CA VAL A 211 -2.83 6.93 -30.23
C VAL A 211 -2.68 7.91 -29.08
N LEU A 212 -3.46 8.97 -29.05
CA LEU A 212 -3.56 9.90 -27.92
C LEU A 212 -4.62 9.40 -26.94
N VAL A 213 -4.22 9.18 -25.72
CA VAL A 213 -5.11 8.77 -24.64
C VAL A 213 -5.35 9.87 -23.69
N ALA A 214 -6.61 10.28 -23.47
CA ALA A 214 -6.95 11.47 -22.67
C ALA A 214 -7.25 11.13 -21.24
N TYR A 215 -6.55 11.82 -20.36
CA TYR A 215 -6.85 11.81 -18.93
C TYR A 215 -7.40 13.17 -18.48
N SER A 216 -8.04 13.12 -17.29
CA SER A 216 -8.73 14.26 -16.74
C SER A 216 -9.71 14.81 -17.72
N ALA A 217 -10.36 13.91 -18.50
CA ALA A 217 -11.32 14.25 -19.48
C ALA A 217 -12.60 14.77 -18.94
N LEU A 218 -12.84 14.55 -17.65
CA LEU A 218 -14.02 15.05 -16.93
C LEU A 218 -13.64 16.18 -16.02
N GLY A 219 -12.42 16.73 -16.14
CA GLY A 219 -12.02 17.91 -15.35
C GLY A 219 -11.21 17.66 -14.14
N SER A 220 -10.87 16.43 -13.83
CA SER A 220 -10.01 16.01 -12.67
C SER A 220 -10.76 16.00 -11.40
N HIS A 221 -10.01 15.62 -10.33
CA HIS A 221 -10.51 15.70 -8.94
C HIS A 221 -10.35 17.10 -8.38
N ARG A 222 -9.61 17.98 -9.03
CA ARG A 222 -9.39 19.35 -8.57
C ARG A 222 -8.79 19.34 -7.17
N GLU A 223 -7.95 18.40 -6.90
CA GLU A 223 -7.42 18.47 -5.54
C GLU A 223 -6.65 19.75 -5.35
N PRO A 224 -6.88 20.43 -4.24
CA PRO A 224 -5.95 21.51 -3.83
C PRO A 224 -4.55 20.86 -3.76
N GLU A 225 -3.46 21.56 -3.83
CA GLU A 225 -2.20 20.89 -3.84
C GLU A 225 -1.98 20.23 -5.15
N TRP A 226 -2.87 20.47 -6.11
CA TRP A 226 -2.50 20.39 -7.53
C TRP A 226 -3.29 21.39 -8.38
N VAL A 227 -4.44 21.90 -7.90
CA VAL A 227 -5.28 22.74 -8.71
C VAL A 227 -5.73 23.99 -7.96
N ASP A 228 -5.42 25.19 -8.46
CA ASP A 228 -5.88 26.41 -7.74
C ASP A 228 -7.39 26.45 -7.95
N GLN A 229 -8.09 26.80 -6.88
CA GLN A 229 -9.52 26.87 -6.88
C GLN A 229 -9.92 27.75 -8.04
N SER A 230 -9.11 28.67 -8.51
CA SER A 230 -9.59 29.50 -9.63
C SER A 230 -9.65 28.68 -10.86
N ALA A 231 -9.34 27.33 -10.80
CA ALA A 231 -9.38 26.58 -12.04
C ALA A 231 -10.81 26.58 -12.63
N PRO A 232 -10.92 26.66 -13.96
CA PRO A 232 -12.27 26.55 -14.58
C PRO A 232 -12.86 25.15 -14.21
N VAL A 233 -14.16 24.96 -14.02
CA VAL A 233 -14.81 23.75 -13.59
C VAL A 233 -15.51 23.17 -14.76
N LEU A 234 -14.85 22.15 -15.34
CA LEU A 234 -15.33 21.67 -16.61
C LEU A 234 -16.76 21.17 -16.57
N LEU A 235 -17.18 20.38 -15.58
CA LEU A 235 -18.54 19.73 -15.57
C LEU A 235 -19.63 20.75 -15.30
N GLU A 236 -19.29 21.97 -14.87
CA GLU A 236 -20.22 23.12 -14.66
C GLU A 236 -20.17 24.06 -15.79
N ASP A 237 -19.45 23.75 -16.90
CA ASP A 237 -19.30 24.70 -17.96
C ASP A 237 -20.67 24.97 -18.59
N PRO A 238 -21.14 26.23 -18.68
CA PRO A 238 -22.48 26.42 -19.15
C PRO A 238 -22.75 26.01 -20.65
N LEU A 239 -21.72 26.08 -21.48
CA LEU A 239 -21.89 25.67 -22.90
C LEU A 239 -21.98 24.09 -23.03
N ILE A 240 -21.09 23.42 -22.28
CA ILE A 240 -21.19 21.95 -22.20
C ILE A 240 -22.59 21.60 -21.66
N GLY A 241 -23.12 22.39 -20.68
CA GLY A 241 -24.39 22.15 -20.16
C GLY A 241 -25.49 22.30 -21.15
N ALA A 242 -25.39 23.35 -21.97
CA ALA A 242 -26.34 23.60 -23.04
C ALA A 242 -26.36 22.52 -24.07
N LEU A 243 -25.18 22.00 -24.40
CA LEU A 243 -25.16 20.88 -25.28
C LEU A 243 -25.68 19.59 -24.71
N ALA A 244 -25.48 19.42 -23.39
CA ALA A 244 -26.07 18.27 -22.72
C ALA A 244 -27.61 18.33 -22.77
N LYS A 245 -28.17 19.48 -22.56
CA LYS A 245 -29.61 19.66 -22.65
C LYS A 245 -30.09 19.41 -24.09
N LYS A 246 -29.40 19.93 -25.06
CA LYS A 246 -29.74 19.79 -26.52
C LYS A 246 -29.83 18.31 -26.85
N HIS A 247 -28.91 17.50 -26.39
CA HIS A 247 -28.81 16.11 -26.73
C HIS A 247 -29.49 15.17 -25.73
N GLN A 248 -30.04 15.67 -24.66
CA GLN A 248 -30.63 14.91 -23.54
C GLN A 248 -29.60 13.94 -22.97
N GLN A 249 -28.37 14.49 -22.73
CA GLN A 249 -27.30 13.68 -22.13
C GLN A 249 -26.93 14.48 -20.85
N THR A 250 -25.71 14.30 -20.39
CA THR A 250 -25.16 14.96 -19.22
C THR A 250 -23.88 15.65 -19.61
N PRO A 251 -23.35 16.63 -18.87
CA PRO A 251 -22.08 17.24 -19.19
C PRO A 251 -20.96 16.26 -19.37
N ALA A 252 -20.85 15.33 -18.46
CA ALA A 252 -19.84 14.29 -18.55
C ALA A 252 -19.88 13.55 -19.85
N LEU A 253 -21.08 13.20 -20.29
CA LEU A 253 -21.23 12.49 -21.53
C LEU A 253 -20.85 13.30 -22.77
N ILE A 254 -21.13 14.59 -22.75
CA ILE A 254 -20.66 15.46 -23.83
C ILE A 254 -19.15 15.50 -23.88
N ALA A 255 -18.53 15.65 -22.71
CA ALA A 255 -17.08 15.74 -22.63
C ALA A 255 -16.42 14.47 -23.13
N LEU A 256 -16.97 13.32 -22.82
CA LEU A 256 -16.44 12.04 -23.28
C LEU A 256 -16.68 11.81 -24.77
N ARG A 257 -17.87 12.16 -25.26
CA ARG A 257 -18.17 11.98 -26.66
C ARG A 257 -17.31 12.84 -27.54
N TYR A 258 -17.03 14.10 -27.14
CA TYR A 258 -16.16 15.01 -27.85
C TYR A 258 -14.86 14.24 -28.16
N GLN A 259 -14.28 13.65 -27.13
CA GLN A 259 -13.02 12.95 -27.35
C GLN A 259 -13.11 11.74 -28.28
N LEU A 260 -14.12 10.96 -28.12
CA LEU A 260 -14.29 9.74 -28.96
C LEU A 260 -14.34 10.17 -30.40
N GLN A 261 -15.04 11.26 -30.74
CA GLN A 261 -15.23 11.64 -32.14
C GLN A 261 -14.02 12.28 -32.72
N ARG A 262 -13.03 12.55 -31.94
CA ARG A 262 -11.75 13.07 -32.43
C ARG A 262 -10.76 11.93 -32.61
N GLY A 263 -11.11 10.69 -32.45
CA GLY A 263 -10.10 9.56 -32.55
C GLY A 263 -9.27 9.40 -31.34
N ILE A 264 -9.68 9.95 -30.22
CA ILE A 264 -8.95 9.87 -28.93
C ILE A 264 -9.53 8.71 -28.15
N VAL A 265 -8.67 8.02 -27.46
CA VAL A 265 -9.05 7.00 -26.47
C VAL A 265 -9.24 7.73 -25.19
N VAL A 266 -10.38 7.67 -24.53
CA VAL A 266 -10.67 8.54 -23.39
C VAL A 266 -10.84 7.74 -22.13
N LEU A 267 -10.24 8.22 -21.07
CA LEU A 267 -10.43 7.64 -19.73
C LEU A 267 -11.53 8.37 -19.00
N ALA A 268 -12.18 7.66 -18.06
CA ALA A 268 -13.16 8.32 -17.23
C ALA A 268 -13.09 7.64 -15.81
N LYS A 269 -12.82 8.34 -14.76
CA LYS A 269 -12.85 7.71 -13.45
C LYS A 269 -14.13 8.05 -12.80
N SER A 270 -14.83 7.08 -12.23
CA SER A 270 -15.89 7.28 -11.25
C SER A 270 -15.90 6.10 -10.28
N PHE A 271 -16.03 6.42 -8.99
CA PHE A 271 -16.23 5.36 -7.99
C PHE A 271 -17.71 5.37 -7.55
N THR A 272 -18.60 5.93 -8.34
CA THR A 272 -20.05 5.97 -8.03
C THR A 272 -20.74 5.12 -9.02
N GLU A 273 -21.48 4.12 -8.56
CA GLU A 273 -22.10 3.13 -9.44
C GLU A 273 -22.94 3.76 -10.57
N LYS A 274 -23.78 4.71 -10.19
CA LYS A 274 -24.71 5.34 -11.19
C LYS A 274 -23.89 5.98 -12.29
N ARG A 275 -22.80 6.67 -11.94
CA ARG A 275 -21.97 7.39 -12.88
C ARG A 275 -21.18 6.49 -13.76
N ILE A 276 -20.66 5.41 -13.19
CA ILE A 276 -19.99 4.39 -14.00
C ILE A 276 -20.88 3.89 -15.14
N LYS A 277 -22.14 3.55 -14.79
CA LYS A 277 -23.10 3.14 -15.76
C LYS A 277 -23.41 4.25 -16.75
N GLU A 278 -23.55 5.47 -16.28
CA GLU A 278 -23.78 6.63 -17.18
C GLU A 278 -22.65 6.78 -18.18
N ASN A 279 -21.44 6.72 -17.68
CA ASN A 279 -20.32 7.06 -18.55
C ASN A 279 -20.22 6.19 -19.75
N ILE A 280 -20.56 4.90 -19.61
CA ILE A 280 -20.52 4.00 -20.78
C ILE A 280 -21.68 4.15 -21.72
N GLN A 281 -22.64 4.98 -21.34
CA GLN A 281 -23.63 5.43 -22.32
C GLN A 281 -23.11 6.38 -23.36
N VAL A 282 -21.85 6.75 -23.34
CA VAL A 282 -21.25 7.57 -24.37
C VAL A 282 -21.38 6.98 -25.74
N PHE A 283 -21.55 5.67 -25.82
CA PHE A 283 -21.69 5.01 -27.11
C PHE A 283 -23.11 5.08 -27.72
N GLU A 284 -24.06 5.69 -27.00
CA GLU A 284 -25.45 5.69 -27.33
C GLU A 284 -25.96 6.95 -27.98
N PHE A 285 -25.11 7.92 -28.31
CA PHE A 285 -25.46 9.09 -29.02
C PHE A 285 -24.27 9.63 -29.77
N GLN A 286 -24.56 10.56 -30.66
CA GLN A 286 -23.51 11.22 -31.43
C GLN A 286 -23.69 12.71 -31.45
N LEU A 287 -22.57 13.45 -31.62
CA LEU A 287 -22.58 14.92 -31.80
C LEU A 287 -22.39 15.32 -33.23
N PRO A 288 -23.11 16.29 -33.75
CA PRO A 288 -22.84 16.82 -35.07
C PRO A 288 -21.64 17.66 -35.13
N SER A 289 -21.07 17.78 -36.33
CA SER A 289 -19.86 18.55 -36.50
C SER A 289 -19.92 19.99 -36.01
N GLU A 290 -21.08 20.60 -36.21
CA GLU A 290 -21.20 21.97 -35.74
C GLU A 290 -21.08 22.08 -34.21
N ASP A 291 -21.51 21.07 -33.48
CA ASP A 291 -21.33 21.07 -32.06
C ASP A 291 -19.95 20.75 -31.59
N MET A 292 -19.29 19.85 -32.33
CA MET A 292 -17.82 19.68 -32.12
C MET A 292 -17.03 20.98 -32.28
N LYS A 293 -17.35 21.79 -33.32
CA LYS A 293 -16.68 23.08 -33.51
C LYS A 293 -16.92 24.01 -32.41
N VAL A 294 -18.17 24.07 -31.89
CA VAL A 294 -18.39 24.86 -30.74
C VAL A 294 -17.62 24.47 -29.54
N ILE A 295 -17.53 23.17 -29.25
CA ILE A 295 -16.75 22.70 -28.11
C ILE A 295 -15.22 23.08 -28.30
N ASP A 296 -14.77 23.05 -29.52
CA ASP A 296 -13.36 23.50 -29.80
C ASP A 296 -13.18 24.93 -29.33
N SER A 297 -14.20 25.81 -29.28
CA SER A 297 -14.06 27.21 -28.83
C SER A 297 -13.71 27.37 -27.36
N LEU A 298 -13.84 26.30 -26.59
CA LEU A 298 -13.60 26.34 -25.14
C LEU A 298 -12.11 26.28 -24.85
N ASN A 299 -11.27 25.95 -25.85
CA ASN A 299 -9.82 25.75 -25.55
C ASN A 299 -9.17 26.92 -24.93
N ARG A 300 -8.45 26.72 -23.86
CA ARG A 300 -7.81 27.83 -23.18
C ARG A 300 -6.51 27.51 -22.57
N ASN A 301 -5.95 26.44 -23.04
CA ASN A 301 -4.67 25.99 -22.58
C ASN A 301 -4.55 25.89 -21.08
N PHE A 302 -5.56 25.36 -20.44
CA PHE A 302 -5.58 25.19 -18.98
C PHE A 302 -5.28 23.78 -18.59
N ARG A 303 -4.25 23.56 -17.78
CA ARG A 303 -3.87 22.33 -17.24
C ARG A 303 -4.30 22.19 -15.81
N TYR A 304 -5.05 21.10 -15.52
CA TYR A 304 -5.27 20.64 -14.13
C TYR A 304 -4.02 19.97 -13.60
N VAL A 305 -3.20 19.39 -14.45
CA VAL A 305 -1.97 18.65 -14.03
C VAL A 305 -0.77 19.43 -14.59
N THR A 306 -0.12 20.18 -13.75
CA THR A 306 1.08 20.97 -14.15
C THR A 306 2.36 20.23 -13.74
N ALA A 307 2.26 19.23 -12.92
CA ALA A 307 3.45 18.46 -12.44
C ALA A 307 4.51 19.41 -11.89
N ASP A 308 4.12 20.25 -10.91
CA ASP A 308 5.01 21.21 -10.31
C ASP A 308 6.22 20.53 -9.66
N PHE A 309 6.14 19.29 -9.21
CA PHE A 309 7.24 18.59 -8.65
C PHE A 309 8.48 18.65 -9.60
N ALA A 310 8.21 18.63 -10.89
CA ALA A 310 9.21 18.57 -11.95
C ALA A 310 9.62 19.85 -12.51
N ILE A 311 9.13 20.96 -11.96
CA ILE A 311 9.58 22.28 -12.44
C ILE A 311 11.04 22.40 -12.09
N GLY A 312 11.92 22.74 -13.07
CA GLY A 312 13.34 22.79 -12.93
C GLY A 312 14.06 21.58 -13.45
N HIS A 313 13.30 20.57 -13.86
CA HIS A 313 13.94 19.35 -14.40
C HIS A 313 14.14 19.56 -15.95
N PRO A 314 15.30 19.17 -16.49
CA PRO A 314 15.52 19.35 -17.90
C PRO A 314 14.52 18.78 -18.81
N ASN A 315 13.83 17.72 -18.36
CA ASN A 315 12.81 17.10 -19.17
C ASN A 315 11.41 17.48 -18.77
N TYR A 316 11.20 18.61 -18.05
CA TYR A 316 9.88 19.08 -17.78
C TYR A 316 9.09 19.23 -19.08
N PRO A 317 7.87 18.65 -19.22
CA PRO A 317 7.29 18.55 -20.53
C PRO A 317 6.46 19.68 -20.99
N PHE A 318 6.04 20.54 -20.10
CA PHE A 318 4.90 21.45 -20.40
C PHE A 318 5.32 22.86 -20.64
N SER A 319 6.60 23.11 -20.85
CA SER A 319 7.08 24.48 -21.26
C SER A 319 6.88 24.66 -22.81
N ASP A 320 7.10 23.58 -23.60
CA ASP A 320 6.97 23.71 -25.06
C ASP A 320 5.51 23.93 -25.41
N GLU A 321 5.32 24.61 -26.54
CA GLU A 321 3.97 24.88 -26.97
C GLU A 321 3.15 23.61 -27.09
N TYR A 322 3.72 22.51 -27.62
CA TYR A 322 3.19 21.21 -27.54
C TYR A 322 4.24 20.17 -27.72
N ASP B 1 20.09 -6.31 37.05
CA ASP B 1 20.65 -6.71 35.74
C ASP B 1 20.01 -5.92 34.56
N PRO B 2 20.79 -5.33 33.70
CA PRO B 2 20.19 -4.57 32.57
C PRO B 2 19.16 -5.29 31.73
N LYS B 3 19.20 -6.62 31.72
CA LYS B 3 18.19 -7.37 30.93
C LYS B 3 16.79 -7.20 31.43
N PHE B 4 16.56 -6.69 32.66
CA PHE B 4 15.25 -6.51 33.23
C PHE B 4 14.71 -5.11 32.98
N GLN B 5 15.43 -4.29 32.20
CA GLN B 5 15.02 -2.90 32.01
C GLN B 5 13.72 -2.75 31.27
N ARG B 6 12.98 -1.75 31.71
CA ARG B 6 11.62 -1.49 31.27
C ARG B 6 11.52 -0.04 30.79
N VAL B 7 10.60 0.20 29.91
CA VAL B 7 10.21 1.53 29.32
C VAL B 7 8.89 1.96 29.99
N ALA B 8 8.73 3.22 30.38
CA ALA B 8 7.51 3.73 30.90
C ALA B 8 6.47 3.87 29.81
N LEU B 9 5.25 3.34 30.08
CA LEU B 9 4.10 3.58 29.24
C LEU B 9 3.31 4.80 29.68
N SER B 10 2.53 5.35 28.77
CA SER B 10 1.83 6.58 29.10
C SER B 10 0.87 6.47 30.25
N ASP B 11 0.43 5.28 30.58
CA ASP B 11 -0.51 5.06 31.62
C ASP B 11 0.09 4.73 33.01
N GLY B 12 1.38 4.86 33.08
CA GLY B 12 2.08 4.65 34.31
C GLY B 12 2.62 3.25 34.53
N HIS B 13 2.22 2.29 33.71
CA HIS B 13 2.77 0.95 33.78
C HIS B 13 4.12 0.92 33.04
N PHE B 14 4.84 -0.19 33.08
CA PHE B 14 6.19 -0.32 32.49
C PHE B 14 6.32 -1.63 31.76
N ILE B 15 6.91 -1.61 30.58
CA ILE B 15 7.02 -2.78 29.72
C ILE B 15 8.49 -3.12 29.58
N PRO B 16 8.89 -4.39 29.75
CA PRO B 16 10.28 -4.77 29.48
C PRO B 16 10.65 -4.50 28.04
N VAL B 17 11.82 -3.99 27.76
CA VAL B 17 12.18 -3.50 26.42
C VAL B 17 12.48 -4.66 25.48
N LEU B 18 12.81 -5.84 25.94
CA LEU B 18 12.96 -7.04 25.11
C LEU B 18 11.81 -7.98 25.41
N GLY B 19 11.10 -8.42 24.43
CA GLY B 19 10.00 -9.35 24.56
C GLY B 19 10.26 -10.65 23.88
N PHE B 20 9.62 -11.72 24.35
CA PHE B 20 9.69 -13.02 23.83
C PHE B 20 8.49 -13.29 22.93
N GLY B 21 8.70 -13.52 21.66
CA GLY B 21 7.59 -13.85 20.77
C GLY B 21 7.28 -15.31 20.82
N THR B 22 5.96 -15.63 20.62
CA THR B 22 5.51 -16.97 20.74
C THR B 22 4.77 -17.57 19.55
N TYR B 23 4.62 -16.79 18.45
CA TYR B 23 4.08 -17.37 17.23
C TYR B 23 5.00 -18.35 16.62
N ALA B 24 4.51 -19.44 16.04
CA ALA B 24 5.26 -20.28 15.14
C ALA B 24 4.37 -20.78 14.07
N PRO B 25 4.93 -21.20 12.95
CA PRO B 25 4.13 -21.77 11.83
C PRO B 25 3.25 -22.94 12.30
N GLU B 26 2.16 -23.13 11.64
CA GLU B 26 1.21 -24.15 11.95
C GLU B 26 1.75 -25.59 12.11
N GLU B 27 2.78 -26.03 11.43
CA GLU B 27 3.26 -27.36 11.50
C GLU B 27 3.97 -27.53 12.86
N VAL B 28 4.28 -26.46 13.60
CA VAL B 28 5.00 -26.55 14.87
C VAL B 28 3.92 -26.77 15.98
N PRO B 29 4.07 -27.79 16.80
CA PRO B 29 3.06 -28.04 17.83
C PRO B 29 3.11 -26.87 18.87
N LYS B 30 1.96 -26.56 19.51
CA LYS B 30 1.94 -25.55 20.46
C LYS B 30 2.73 -25.92 21.71
N SER B 31 2.94 -27.18 21.98
CA SER B 31 3.89 -27.58 23.05
C SER B 31 5.20 -26.84 22.98
N LYS B 32 5.71 -26.66 21.80
CA LYS B 32 7.05 -26.03 21.70
C LYS B 32 7.01 -24.62 22.23
N ALA B 33 5.90 -23.93 22.10
CA ALA B 33 5.73 -22.63 22.69
C ALA B 33 5.78 -22.66 24.20
N MET B 34 5.15 -23.66 24.80
CA MET B 34 5.22 -23.88 26.24
C MET B 34 6.67 -24.05 26.65
N GLU B 35 7.32 -24.99 26.07
CA GLU B 35 8.66 -25.39 26.46
C GLU B 35 9.57 -24.19 26.27
N ALA B 36 9.50 -23.46 25.18
CA ALA B 36 10.39 -22.32 24.93
C ALA B 36 10.10 -21.23 25.84
N THR B 37 8.84 -20.97 26.21
CA THR B 37 8.55 -19.89 27.16
C THR B 37 9.16 -20.16 28.48
N LYS B 38 9.16 -21.40 28.95
CA LYS B 38 9.81 -21.70 30.17
C LYS B 38 11.30 -21.47 30.15
N ILE B 39 11.97 -21.87 29.07
CA ILE B 39 13.40 -21.59 28.91
C ILE B 39 13.64 -20.05 28.84
N ALA B 40 12.79 -19.33 28.15
CA ALA B 40 12.91 -17.89 28.03
C ALA B 40 12.87 -17.29 29.42
N ILE B 41 11.89 -17.65 30.23
CA ILE B 41 11.80 -17.10 31.58
C ILE B 41 13.02 -17.39 32.39
N ASP B 42 13.49 -18.61 32.28
CA ASP B 42 14.76 -18.97 33.03
C ASP B 42 15.92 -18.10 32.58
N ALA B 43 15.96 -17.75 31.28
CA ALA B 43 17.04 -16.87 30.73
C ALA B 43 16.93 -15.44 31.11
N GLY B 44 15.80 -14.99 31.59
CA GLY B 44 15.61 -13.65 31.96
C GLY B 44 14.55 -12.86 31.20
N PHE B 45 13.90 -13.47 30.24
CA PHE B 45 12.80 -12.80 29.61
C PHE B 45 11.64 -12.70 30.56
N ARG B 46 10.94 -11.56 30.53
CA ARG B 46 9.74 -11.31 31.37
C ARG B 46 8.56 -10.85 30.56
N HIS B 47 8.80 -10.16 29.43
CA HIS B 47 7.76 -9.73 28.47
C HIS B 47 7.55 -10.92 27.50
N ILE B 48 6.29 -11.38 27.42
CA ILE B 48 5.89 -12.61 26.61
C ILE B 48 4.73 -12.07 25.73
N ASP B 49 4.86 -12.20 24.40
CA ASP B 49 3.90 -11.72 23.42
C ASP B 49 3.17 -12.93 22.80
N SER B 50 1.85 -12.96 22.98
CA SER B 50 1.00 -13.90 22.26
C SER B 50 -0.24 -13.16 21.69
N ALA B 51 -1.27 -13.94 21.37
CA ALA B 51 -2.47 -13.40 20.71
C ALA B 51 -3.49 -14.54 20.70
N TYR B 52 -4.79 -14.16 20.68
CA TYR B 52 -5.83 -15.18 20.44
C TYR B 52 -5.56 -15.90 19.18
N PHE B 53 -5.11 -15.22 18.14
CA PHE B 53 -4.91 -15.83 16.83
C PHE B 53 -3.86 -16.93 16.82
N TYR B 54 -2.92 -16.91 17.78
CA TYR B 54 -1.82 -17.88 17.77
C TYR B 54 -2.23 -19.25 18.26
N LYS B 55 -3.41 -19.37 18.88
CA LYS B 55 -3.97 -20.67 19.37
C LYS B 55 -2.98 -21.36 20.29
N ASN B 56 -2.31 -20.59 21.15
CA ASN B 56 -1.30 -21.14 22.05
C ASN B 56 -1.46 -20.63 23.48
N GLU B 57 -2.59 -19.98 23.83
CA GLU B 57 -2.65 -19.41 25.09
C GLU B 57 -2.81 -20.41 26.26
N LYS B 58 -3.39 -21.58 26.03
CA LYS B 58 -3.38 -22.61 27.05
C LYS B 58 -1.92 -23.03 27.37
N GLU B 59 -1.15 -23.21 26.31
CA GLU B 59 0.24 -23.65 26.43
C GLU B 59 1.12 -22.54 27.02
N VAL B 60 1.03 -21.32 26.57
CA VAL B 60 1.84 -20.25 27.13
C VAL B 60 1.41 -19.96 28.49
N GLY B 61 0.11 -19.98 28.85
CA GLY B 61 -0.32 -19.81 30.19
C GLY B 61 0.24 -20.90 31.09
N LEU B 62 0.28 -22.17 30.65
CA LEU B 62 0.85 -23.20 31.46
C LEU B 62 2.30 -22.95 31.73
N ALA B 63 3.07 -22.51 30.74
CA ALA B 63 4.49 -22.14 30.99
C ALA B 63 4.60 -21.10 32.09
N ILE B 64 3.85 -20.00 31.94
CA ILE B 64 3.92 -18.89 32.93
C ILE B 64 3.54 -19.40 34.28
N ARG B 65 2.45 -20.15 34.37
CA ARG B 65 2.01 -20.67 35.66
C ARG B 65 3.03 -21.63 36.26
N SER B 66 3.69 -22.40 35.43
CA SER B 66 4.72 -23.31 35.91
C SER B 66 5.84 -22.55 36.56
N LYS B 67 6.25 -21.44 35.95
CA LYS B 67 7.35 -20.63 36.45
C LYS B 67 6.94 -19.77 37.61
N ILE B 68 5.67 -19.55 37.86
CA ILE B 68 5.22 -19.03 39.13
C ILE B 68 5.20 -20.12 40.18
N ALA B 69 4.69 -21.31 39.87
CA ALA B 69 4.58 -22.35 40.87
C ALA B 69 5.91 -22.79 41.31
N ASP B 70 6.96 -22.82 40.50
CA ASP B 70 8.33 -23.29 40.86
C ASP B 70 9.20 -22.17 41.44
N GLY B 71 8.59 -21.01 41.68
CA GLY B 71 9.25 -19.85 42.30
C GLY B 71 10.19 -19.03 41.56
N THR B 72 10.29 -19.28 40.23
CA THR B 72 11.20 -18.57 39.47
C THR B 72 10.82 -17.06 39.33
N VAL B 73 9.53 -16.83 39.10
CA VAL B 73 8.95 -15.48 39.04
C VAL B 73 7.65 -15.37 39.79
N LYS B 74 7.28 -14.14 40.13
CA LYS B 74 5.95 -13.79 40.62
C LYS B 74 5.15 -13.28 39.44
N ARG B 75 3.82 -13.35 39.53
CA ARG B 75 2.98 -12.82 38.44
C ARG B 75 3.27 -11.41 38.11
N GLU B 76 3.61 -10.57 39.04
CA GLU B 76 3.84 -9.17 38.83
C GLU B 76 5.17 -8.93 38.02
N ASP B 77 6.04 -9.92 37.97
CA ASP B 77 7.31 -9.88 37.27
C ASP B 77 7.13 -10.16 35.76
N ILE B 78 6.08 -10.86 35.40
CA ILE B 78 5.78 -11.19 34.04
C ILE B 78 4.93 -10.15 33.37
N PHE B 79 5.24 -9.77 32.16
CA PHE B 79 4.48 -8.83 31.35
C PHE B 79 3.92 -9.63 30.18
N TYR B 80 2.65 -10.01 30.21
CA TYR B 80 2.03 -10.78 29.16
C TYR B 80 1.11 -9.97 28.29
N THR B 81 1.30 -10.05 26.99
CA THR B 81 0.45 -9.40 26.00
C THR B 81 -0.39 -10.41 25.24
N SER B 82 -1.64 -10.06 25.10
CA SER B 82 -2.51 -10.72 24.12
C SER B 82 -3.13 -9.68 23.17
N LYS B 83 -3.86 -10.21 22.17
CA LYS B 83 -4.36 -9.37 21.08
C LYS B 83 -5.80 -9.81 20.71
N LEU B 84 -6.65 -8.82 20.51
CA LEU B 84 -8.02 -8.93 20.05
C LEU B 84 -8.02 -9.20 18.56
N TRP B 85 -8.53 -10.37 18.15
CA TRP B 85 -8.57 -10.71 16.76
C TRP B 85 -9.72 -10.00 16.06
N CYS B 86 -9.61 -9.94 14.71
CA CYS B 86 -10.44 -9.16 13.83
C CYS B 86 -11.94 -9.50 13.87
N THR B 87 -12.25 -10.77 14.18
CA THR B 87 -13.61 -11.26 14.23
C THR B 87 -14.27 -10.85 15.55
N PHE B 88 -13.57 -10.15 16.44
CA PHE B 88 -14.11 -9.72 17.75
C PHE B 88 -14.16 -8.22 17.90
N HIS B 89 -14.09 -7.42 16.83
CA HIS B 89 -14.04 -5.97 16.95
C HIS B 89 -15.36 -5.39 17.40
N ARG B 90 -16.51 -6.06 17.19
CA ARG B 90 -17.75 -5.49 17.67
C ARG B 90 -17.63 -5.26 19.19
N PRO B 91 -18.04 -4.07 19.68
CA PRO B 91 -17.81 -3.78 21.07
C PRO B 91 -18.24 -4.82 22.05
N GLU B 92 -19.40 -5.44 21.80
CA GLU B 92 -20.01 -6.48 22.63
C GLU B 92 -19.22 -7.75 22.67
N LEU B 93 -18.25 -7.99 21.75
CA LEU B 93 -17.48 -9.10 21.73
C LEU B 93 -16.07 -8.96 22.29
N VAL B 94 -15.67 -7.74 22.61
CA VAL B 94 -14.31 -7.45 23.05
C VAL B 94 -14.00 -8.09 24.42
N ARG B 95 -14.78 -7.73 25.43
CA ARG B 95 -14.58 -8.24 26.79
C ARG B 95 -14.77 -9.75 26.79
N PRO B 96 -15.78 -10.36 26.18
CA PRO B 96 -15.88 -11.82 26.16
C PRO B 96 -14.64 -12.50 25.57
N SER B 97 -14.08 -11.86 24.51
CA SER B 97 -12.87 -12.46 23.92
C SER B 97 -11.70 -12.44 24.87
N LEU B 98 -11.48 -11.32 25.53
CA LEU B 98 -10.45 -11.17 26.52
C LEU B 98 -10.67 -12.16 27.67
N GLU B 99 -11.92 -12.27 28.18
CA GLU B 99 -12.21 -13.30 29.19
C GLU B 99 -11.92 -14.70 28.75
N ASP B 100 -12.20 -14.98 27.51
CA ASP B 100 -11.89 -16.32 26.96
C ASP B 100 -10.38 -16.56 26.98
N SER B 101 -9.61 -15.56 26.57
CA SER B 101 -8.15 -15.69 26.62
C SER B 101 -7.71 -15.99 28.08
N LEU B 102 -8.24 -15.18 29.01
CA LEU B 102 -7.91 -15.38 30.45
C LEU B 102 -8.27 -16.74 30.99
N LYS B 103 -9.43 -17.27 30.55
CA LYS B 103 -9.81 -18.58 30.97
C LYS B 103 -8.80 -19.61 30.43
N ASN B 104 -8.37 -19.43 29.20
CA ASN B 104 -7.37 -20.37 28.56
C ASN B 104 -6.01 -20.26 29.27
N LEU B 105 -5.60 -19.06 29.59
CA LEU B 105 -4.38 -18.82 30.31
C LEU B 105 -4.37 -19.25 31.74
N GLN B 106 -5.56 -19.25 32.33
CA GLN B 106 -5.77 -19.40 33.76
C GLN B 106 -5.06 -18.30 34.51
N LEU B 107 -5.14 -17.10 33.97
CA LEU B 107 -4.65 -15.93 34.62
C LEU B 107 -5.80 -14.94 34.91
N ASP B 108 -5.64 -14.00 35.85
CA ASP B 108 -6.65 -13.04 36.15
C ASP B 108 -6.68 -11.75 35.33
N TYR B 109 -5.55 -11.42 34.72
CA TYR B 109 -5.43 -10.28 33.83
C TYR B 109 -4.33 -10.53 32.85
N VAL B 110 -4.30 -9.74 31.77
CA VAL B 110 -3.19 -9.56 30.90
C VAL B 110 -2.52 -8.25 31.21
N ASP B 111 -1.21 -8.14 31.01
CA ASP B 111 -0.58 -6.88 31.16
C ASP B 111 -0.89 -5.92 30.04
N LEU B 112 -1.10 -6.38 28.86
CA LEU B 112 -1.39 -5.54 27.68
C LEU B 112 -2.30 -6.28 26.77
N TYR B 113 -3.33 -5.60 26.38
CA TYR B 113 -4.30 -6.12 25.34
C TYR B 113 -4.28 -5.13 24.22
N ILE B 114 -4.08 -5.64 22.99
CA ILE B 114 -4.01 -4.75 21.84
C ILE B 114 -4.90 -5.20 20.75
N ILE B 115 -5.43 -4.23 19.96
CA ILE B 115 -6.18 -4.54 18.78
C ILE B 115 -5.19 -5.09 17.73
N HIS B 116 -5.36 -6.34 17.26
CA HIS B 116 -4.35 -7.01 16.46
C HIS B 116 -4.18 -6.37 15.08
N PHE B 117 -5.27 -5.99 14.43
CA PHE B 117 -5.21 -5.28 13.14
C PHE B 117 -6.37 -4.37 13.08
N PRO B 118 -6.41 -3.33 12.26
CA PRO B 118 -7.45 -2.38 12.22
C PRO B 118 -8.67 -2.80 11.37
N THR B 119 -8.71 -3.95 10.80
CA THR B 119 -9.71 -4.41 9.83
C THR B 119 -10.68 -5.47 10.45
N ALA B 120 -11.86 -5.03 10.78
CA ALA B 120 -12.83 -5.90 11.37
C ALA B 120 -13.29 -6.88 10.34
N LEU B 121 -13.50 -8.12 10.78
CA LEU B 121 -14.03 -9.25 10.03
C LEU B 121 -15.32 -9.75 10.63
N LYS B 122 -16.18 -10.29 9.77
CA LYS B 122 -17.43 -10.83 10.21
C LYS B 122 -17.34 -11.80 11.40
N PRO B 123 -18.12 -11.62 12.45
CA PRO B 123 -18.02 -12.53 13.57
C PRO B 123 -18.63 -13.87 13.17
N GLY B 124 -18.19 -14.86 13.86
CA GLY B 124 -18.78 -16.16 13.61
C GLY B 124 -17.77 -17.21 14.05
N VAL B 125 -17.94 -18.42 13.56
CA VAL B 125 -17.27 -19.59 14.08
C VAL B 125 -15.85 -19.51 13.53
N GLU B 126 -15.72 -19.05 12.29
CA GLU B 126 -14.46 -19.08 11.66
C GLU B 126 -13.57 -17.88 12.13
N ILE B 127 -12.29 -18.18 12.20
CA ILE B 127 -11.23 -17.14 12.51
C ILE B 127 -10.91 -16.23 11.35
N ILE B 128 -10.83 -16.72 10.09
CA ILE B 128 -10.87 -15.84 8.99
C ILE B 128 -12.06 -16.31 8.10
N PRO B 129 -13.25 -15.81 8.31
CA PRO B 129 -14.38 -16.28 7.44
C PRO B 129 -14.09 -15.91 6.06
N THR B 130 -14.50 -16.80 5.13
CA THR B 130 -14.38 -16.49 3.72
C THR B 130 -15.66 -16.87 2.90
N ASP B 131 -15.77 -16.20 1.76
CA ASP B 131 -16.90 -16.33 0.88
C ASP B 131 -16.68 -17.43 -0.06
N GLU B 132 -17.72 -17.58 -0.92
CA GLU B 132 -17.88 -18.55 -2.01
C GLU B 132 -16.58 -18.86 -2.67
N HIS B 133 -15.76 -17.86 -2.91
CA HIS B 133 -14.39 -18.24 -3.08
C HIS B 133 -13.75 -18.37 -1.70
N GLY B 134 -12.79 -17.53 -1.48
CA GLY B 134 -11.89 -17.72 -0.37
C GLY B 134 -11.41 -16.33 -0.02
N LYS B 135 -12.20 -15.31 -0.33
CA LYS B 135 -11.87 -13.94 0.13
C LYS B 135 -12.50 -13.74 1.53
N ALA B 136 -11.80 -12.99 2.39
CA ALA B 136 -12.32 -12.74 3.73
C ALA B 136 -13.57 -11.91 3.67
N ILE B 137 -14.46 -12.14 4.65
CA ILE B 137 -15.72 -11.41 4.76
C ILE B 137 -15.53 -10.28 5.76
N PHE B 138 -15.64 -9.09 5.29
CA PHE B 138 -15.34 -7.94 6.04
C PHE B 138 -16.52 -7.55 6.90
N ASP B 139 -16.29 -6.80 7.97
CA ASP B 139 -17.38 -6.24 8.78
C ASP B 139 -17.21 -4.75 8.91
N THR B 140 -18.22 -3.98 9.16
CA THR B 140 -18.22 -2.51 9.29
C THR B 140 -18.27 -2.20 10.82
N VAL B 141 -17.18 -1.77 11.39
CA VAL B 141 -17.14 -1.44 12.84
C VAL B 141 -16.40 -0.15 12.98
N ASP B 142 -16.88 0.71 13.82
CA ASP B 142 -16.17 1.96 14.11
C ASP B 142 -14.92 1.60 15.02
N ILE B 143 -13.70 1.83 14.56
CA ILE B 143 -12.57 1.61 15.51
C ILE B 143 -12.74 2.31 16.77
N CYS B 144 -13.34 3.47 16.83
CA CYS B 144 -13.54 4.20 18.09
C CYS B 144 -14.43 3.44 19.03
N ALA B 145 -15.37 2.65 18.46
CA ALA B 145 -16.33 1.90 19.26
C ALA B 145 -15.57 0.66 19.89
N THR B 146 -14.77 0.03 19.02
CA THR B 146 -13.87 -1.06 19.56
C THR B 146 -12.96 -0.49 20.62
N TRP B 147 -12.42 0.70 20.41
CA TRP B 147 -11.54 1.26 21.42
C TRP B 147 -12.23 1.46 22.70
N GLU B 148 -13.42 2.07 22.66
CA GLU B 148 -14.14 2.25 23.87
C GLU B 148 -14.38 0.97 24.70
N ALA B 149 -14.60 -0.11 23.98
CA ALA B 149 -14.76 -1.41 24.67
C ALA B 149 -13.41 -1.88 25.28
N MET B 150 -12.33 -1.60 24.57
CA MET B 150 -10.98 -1.85 25.20
C MET B 150 -10.78 -1.03 26.46
N GLU B 151 -11.21 0.21 26.48
CA GLU B 151 -11.11 1.06 27.66
C GLU B 151 -11.84 0.50 28.82
N LYS B 152 -12.98 -0.07 28.56
CA LYS B 152 -13.76 -0.72 29.57
C LYS B 152 -13.07 -1.95 30.16
N CYS B 153 -12.32 -2.65 29.34
CA CYS B 153 -11.56 -3.79 29.82
C CYS B 153 -10.44 -3.35 30.77
N LYS B 154 -9.78 -2.24 30.44
CA LYS B 154 -8.82 -1.65 31.38
C LYS B 154 -9.51 -1.27 32.69
N ASP B 155 -10.67 -0.60 32.59
CA ASP B 155 -11.35 -0.14 33.86
C ASP B 155 -11.82 -1.34 34.64
N ALA B 156 -12.07 -2.48 34.01
CA ALA B 156 -12.46 -3.71 34.73
C ALA B 156 -11.29 -4.41 35.37
N GLY B 157 -10.09 -4.00 35.09
CA GLY B 157 -8.97 -4.65 35.64
C GLY B 157 -8.47 -5.85 34.85
N LEU B 158 -9.11 -6.14 33.72
CA LEU B 158 -8.75 -7.35 32.96
C LEU B 158 -7.50 -7.23 32.08
N ALA B 159 -7.21 -6.00 31.71
CA ALA B 159 -5.99 -5.58 30.99
C ALA B 159 -5.37 -4.45 31.80
N LYS B 160 -4.13 -4.51 32.16
CA LYS B 160 -3.46 -3.40 32.83
C LYS B 160 -3.30 -2.25 31.94
N SER B 161 -2.93 -2.52 30.68
CA SER B 161 -2.75 -1.51 29.67
C SER B 161 -3.43 -1.91 28.36
N ILE B 162 -3.73 -0.98 27.50
CA ILE B 162 -4.34 -1.27 26.18
C ILE B 162 -3.57 -0.48 25.12
N GLY B 163 -3.56 -1.08 23.94
CA GLY B 163 -2.85 -0.53 22.80
C GLY B 163 -3.33 -1.13 21.47
N VAL B 164 -2.56 -0.90 20.43
CA VAL B 164 -2.92 -1.33 19.08
C VAL B 164 -1.73 -2.01 18.38
N SER B 165 -2.05 -2.54 17.21
CA SER B 165 -1.05 -3.20 16.36
C SER B 165 -1.42 -2.99 14.92
N ASN B 166 -0.41 -2.78 14.09
CA ASN B 166 -0.64 -2.66 12.66
C ASN B 166 -1.51 -1.47 12.32
N PHE B 167 -1.45 -0.44 13.08
CA PHE B 167 -2.15 0.82 12.78
C PHE B 167 -1.21 1.79 12.06
N ASN B 168 -1.74 2.54 11.10
CA ASN B 168 -1.00 3.61 10.44
C ASN B 168 -1.24 4.95 11.23
N ARG B 169 -0.56 6.00 10.78
CA ARG B 169 -0.63 7.26 11.45
C ARG B 169 -2.06 7.78 11.51
N ARG B 170 -2.76 7.70 10.37
CA ARG B 170 -4.17 8.15 10.32
C ARG B 170 -5.08 7.45 11.30
N GLN B 171 -4.86 6.16 11.44
CA GLN B 171 -5.65 5.34 12.34
C GLN B 171 -5.34 5.60 13.79
N LEU B 172 -4.08 5.81 14.11
CA LEU B 172 -3.76 6.28 15.45
C LEU B 172 -4.39 7.65 15.78
N GLU B 173 -4.38 8.55 14.80
CA GLU B 173 -5.07 9.85 15.01
C GLU B 173 -6.55 9.70 15.25
N MET B 174 -7.19 8.76 14.61
CA MET B 174 -8.60 8.50 14.86
C MET B 174 -8.91 8.26 16.30
N ILE B 175 -8.05 7.46 16.94
CA ILE B 175 -8.22 7.22 18.31
C ILE B 175 -7.83 8.39 19.19
N LEU B 176 -6.67 8.97 18.90
CA LEU B 176 -6.20 10.13 19.66
C LEU B 176 -7.19 11.30 19.69
N ASN B 177 -7.93 11.43 18.59
CA ASN B 177 -8.88 12.54 18.40
C ASN B 177 -10.26 12.14 18.83
N LYS B 178 -10.52 10.93 19.23
CA LYS B 178 -11.83 10.45 19.67
C LYS B 178 -12.42 11.33 20.77
N PRO B 179 -13.68 11.81 20.56
CA PRO B 179 -14.38 12.56 21.61
C PRO B 179 -14.58 11.74 22.87
N GLY B 180 -14.23 12.30 24.01
CA GLY B 180 -14.32 11.57 25.26
C GLY B 180 -13.26 10.52 25.43
N LEU B 181 -12.19 10.49 24.64
CA LEU B 181 -11.08 9.52 24.89
C LEU B 181 -10.73 9.50 26.33
N LYS B 182 -10.63 8.30 26.90
CA LYS B 182 -10.18 8.15 28.28
C LYS B 182 -8.74 7.63 28.37
N TYR B 183 -8.35 6.68 27.49
CA TYR B 183 -6.99 6.10 27.52
C TYR B 183 -6.39 6.11 26.13
N LYS B 184 -5.24 6.70 25.95
CA LYS B 184 -4.48 6.67 24.67
C LYS B 184 -3.93 5.26 24.49
N PRO B 185 -3.78 4.78 23.28
CA PRO B 185 -3.09 3.51 23.10
C PRO B 185 -1.67 3.66 23.62
N VAL B 186 -1.23 2.69 24.45
CA VAL B 186 0.15 2.83 25.03
C VAL B 186 1.21 2.48 24.02
N CYS B 187 0.87 1.72 23.01
CA CYS B 187 1.80 1.19 22.05
C CYS B 187 1.19 0.97 20.67
N ASN B 188 2.00 0.92 19.67
CA ASN B 188 1.61 0.47 18.36
C ASN B 188 2.62 -0.61 18.00
N GLN B 189 2.20 -1.86 17.97
CA GLN B 189 3.07 -2.99 17.64
C GLN B 189 3.05 -3.20 16.11
N VAL B 190 4.19 -3.01 15.44
CA VAL B 190 4.28 -3.02 13.98
C VAL B 190 5.52 -3.79 13.59
N GLU B 191 5.51 -4.24 12.33
CA GLU B 191 6.74 -4.81 11.77
C GLU B 191 7.84 -3.86 11.76
N CYS B 192 9.04 -4.24 12.18
CA CYS B 192 10.15 -3.34 12.11
C CYS B 192 11.45 -4.06 12.17
N HIS B 193 12.35 -3.70 11.26
CA HIS B 193 13.64 -4.37 11.05
C HIS B 193 14.46 -3.47 10.11
N PRO B 194 15.69 -3.74 9.82
CA PRO B 194 16.43 -2.86 8.90
C PRO B 194 15.88 -2.75 7.52
N TYR B 195 15.07 -3.66 7.00
CA TYR B 195 14.47 -3.45 5.74
C TYR B 195 13.21 -2.63 5.74
N LEU B 196 12.66 -2.39 6.89
CA LEU B 196 11.38 -1.61 7.08
C LEU B 196 11.58 -0.90 8.43
N ASN B 197 12.43 0.10 8.47
CA ASN B 197 12.86 0.64 9.75
C ASN B 197 11.84 1.58 10.41
N GLN B 198 10.74 1.90 9.75
CA GLN B 198 9.66 2.64 10.35
C GLN B 198 10.06 3.99 10.88
N GLY B 199 11.06 4.64 10.29
CA GLY B 199 11.50 5.96 10.84
C GLY B 199 10.39 6.96 10.94
N LYS B 200 9.50 7.03 10.02
CA LYS B 200 8.49 8.09 10.04
C LYS B 200 7.42 7.77 11.07
N LEU B 201 6.95 6.51 11.12
CA LEU B 201 5.95 6.13 12.11
C LEU B 201 6.53 6.21 13.51
N LEU B 202 7.78 5.82 13.68
CA LEU B 202 8.50 5.95 14.99
C LEU B 202 8.51 7.38 15.45
N GLU B 203 8.87 8.30 14.59
CA GLU B 203 8.88 9.73 14.97
C GLU B 203 7.49 10.17 15.45
N PHE B 204 6.50 9.78 14.61
CA PHE B 204 5.10 10.12 14.99
C PHE B 204 4.74 9.61 16.38
N CYS B 205 4.93 8.31 16.57
CA CYS B 205 4.57 7.69 17.86
C CYS B 205 5.35 8.32 19.00
N LYS B 206 6.62 8.60 18.86
CA LYS B 206 7.37 9.24 19.96
C LYS B 206 6.70 10.58 20.23
N SER B 207 6.28 11.38 19.20
CA SER B 207 5.68 12.70 19.38
C SER B 207 4.36 12.66 20.19
N LYS B 208 3.70 11.50 20.24
CA LYS B 208 2.45 11.26 20.87
C LYS B 208 2.60 10.50 22.15
N GLY B 209 3.82 10.07 22.48
CA GLY B 209 3.98 9.25 23.70
C GLY B 209 3.54 7.83 23.54
N ILE B 210 3.47 7.30 22.32
CA ILE B 210 3.10 5.92 22.06
C ILE B 210 4.37 5.15 21.81
N VAL B 211 4.55 4.05 22.50
CA VAL B 211 5.73 3.16 22.35
C VAL B 211 5.54 2.37 21.05
N LEU B 212 6.55 2.27 20.19
CA LEU B 212 6.59 1.40 19.03
C LEU B 212 7.20 0.06 19.46
N VAL B 213 6.45 -1.01 19.29
CA VAL B 213 6.89 -2.33 19.57
C VAL B 213 7.16 -3.04 18.29
N ALA B 214 8.38 -3.56 18.08
CA ALA B 214 8.75 -4.19 16.82
C ALA B 214 8.54 -5.64 16.76
N TYR B 215 7.84 -6.16 15.73
CA TYR B 215 7.79 -7.56 15.45
C TYR B 215 8.53 -7.90 14.18
N SER B 216 8.75 -9.18 13.99
CA SER B 216 9.53 -9.63 12.89
C SER B 216 10.89 -8.99 12.82
N ALA B 217 11.44 -8.61 13.96
CA ALA B 217 12.71 -7.91 14.08
C ALA B 217 13.86 -8.74 13.62
N LEU B 218 13.70 -10.04 13.52
CA LEU B 218 14.74 -10.94 13.01
C LEU B 218 14.40 -11.39 11.61
N GLY B 219 13.43 -10.78 10.98
CA GLY B 219 13.11 -11.10 9.61
C GLY B 219 12.01 -12.05 9.36
N SER B 220 11.24 -12.44 10.40
CA SER B 220 10.09 -13.30 10.31
C SER B 220 10.50 -14.75 10.07
N HIS B 221 9.46 -15.64 10.09
CA HIS B 221 9.71 -17.04 9.62
C HIS B 221 9.73 -17.21 8.12
N ARG B 222 9.31 -16.22 7.35
CA ARG B 222 9.28 -16.32 5.92
C ARG B 222 8.46 -17.50 5.44
N GLU B 223 7.24 -17.58 5.93
CA GLU B 223 6.38 -18.76 5.49
C GLU B 223 5.89 -18.59 4.14
N PRO B 224 6.11 -19.62 3.27
CA PRO B 224 5.76 -19.62 1.91
C PRO B 224 4.30 -19.39 1.72
N GLU B 225 3.54 -19.81 2.71
CA GLU B 225 2.10 -19.66 2.67
C GLU B 225 1.80 -18.18 2.60
N TRP B 226 2.59 -17.38 3.35
CA TRP B 226 2.27 -15.96 3.53
C TRP B 226 3.28 -14.94 3.01
N VAL B 227 4.54 -15.36 2.63
CA VAL B 227 5.65 -14.50 2.25
C VAL B 227 6.20 -15.03 0.95
N ASP B 228 6.36 -14.24 -0.11
CA ASP B 228 6.88 -14.73 -1.38
C ASP B 228 8.36 -15.07 -1.08
N GLN B 229 8.84 -16.18 -1.63
CA GLN B 229 10.11 -16.67 -1.12
C GLN B 229 11.24 -15.94 -1.79
N SER B 230 10.98 -15.02 -2.74
CA SER B 230 11.97 -14.07 -3.16
C SER B 230 12.31 -13.00 -2.07
N ALA B 231 11.60 -12.99 -0.95
CA ALA B 231 11.85 -12.02 0.17
C ALA B 231 13.31 -12.16 0.58
N PRO B 232 13.99 -11.12 0.86
CA PRO B 232 15.37 -11.24 1.34
C PRO B 232 15.40 -11.87 2.72
N VAL B 233 16.46 -12.54 3.09
CA VAL B 233 16.64 -13.15 4.42
C VAL B 233 17.46 -12.20 5.22
N LEU B 234 16.79 -11.48 6.15
CA LEU B 234 17.49 -10.47 6.93
C LEU B 234 18.74 -10.89 7.63
N LEU B 235 18.73 -12.03 8.32
CA LEU B 235 19.86 -12.45 9.06
C LEU B 235 21.03 -12.97 8.25
N GLU B 236 20.86 -13.09 6.89
CA GLU B 236 21.91 -13.39 5.97
C GLU B 236 22.35 -12.15 5.22
N ASP B 237 21.92 -10.95 5.58
CA ASP B 237 22.31 -9.77 4.87
C ASP B 237 23.82 -9.62 5.06
N PRO B 238 24.59 -9.34 3.98
CA PRO B 238 26.00 -9.26 4.16
C PRO B 238 26.51 -8.09 4.98
N LEU B 239 25.81 -6.97 4.96
CA LEU B 239 26.21 -5.82 5.81
C LEU B 239 25.98 -6.08 7.31
N ILE B 240 24.84 -6.64 7.60
CA ILE B 240 24.57 -7.08 8.99
C ILE B 240 25.63 -8.07 9.39
N GLY B 241 26.03 -8.98 8.51
CA GLY B 241 27.00 -9.90 8.77
C GLY B 241 28.34 -9.28 9.07
N ALA B 242 28.72 -8.32 8.29
CA ALA B 242 29.94 -7.60 8.48
C ALA B 242 29.94 -6.85 9.83
N LEU B 243 28.79 -6.26 10.21
CA LEU B 243 28.76 -5.58 11.52
C LEU B 243 28.79 -6.59 12.60
N ALA B 244 28.19 -7.74 12.45
CA ALA B 244 28.32 -8.79 13.45
C ALA B 244 29.71 -9.24 13.62
N LYS B 245 30.51 -9.32 12.54
CA LYS B 245 31.94 -9.69 12.70
C LYS B 245 32.73 -8.60 13.41
N LYS B 246 32.44 -7.32 13.02
CA LYS B 246 33.15 -6.16 13.59
C LYS B 246 32.99 -6.26 15.08
N HIS B 247 31.80 -6.54 15.58
CA HIS B 247 31.47 -6.44 17.06
C HIS B 247 31.59 -7.77 17.73
N GLN B 248 31.95 -8.84 17.02
CA GLN B 248 31.96 -10.16 17.58
C GLN B 248 30.61 -10.56 18.21
N GLN B 249 29.60 -10.31 17.46
CA GLN B 249 28.26 -10.63 17.87
C GLN B 249 27.67 -11.49 16.71
N THR B 250 26.42 -11.75 16.66
CA THR B 250 25.71 -12.54 15.64
C THR B 250 24.85 -11.56 14.84
N PRO B 251 24.42 -11.89 13.66
CA PRO B 251 23.47 -11.06 12.96
C PRO B 251 22.19 -10.76 13.75
N ALA B 252 21.63 -11.76 14.46
CA ALA B 252 20.46 -11.57 15.24
C ALA B 252 20.68 -10.48 16.27
N LEU B 253 21.80 -10.51 16.94
CA LEU B 253 22.10 -9.54 17.97
C LEU B 253 22.28 -8.14 17.42
N ILE B 254 22.85 -8.01 16.24
CA ILE B 254 22.90 -6.70 15.60
C ILE B 254 21.53 -6.21 15.30
N ALA B 255 20.63 -7.05 14.78
CA ALA B 255 19.30 -6.58 14.46
C ALA B 255 18.51 -6.19 15.68
N LEU B 256 18.65 -6.92 16.77
CA LEU B 256 17.91 -6.53 17.98
C LEU B 256 18.49 -5.28 18.66
N ARG B 257 19.80 -5.14 18.63
CA ARG B 257 20.45 -4.01 19.29
C ARG B 257 20.11 -2.74 18.54
N TYR B 258 20.06 -2.80 17.22
CA TYR B 258 19.61 -1.66 16.41
C TYR B 258 18.30 -1.12 16.92
N GLN B 259 17.33 -1.98 17.16
CA GLN B 259 16.05 -1.51 17.69
C GLN B 259 16.11 -0.92 19.10
N LEU B 260 16.83 -1.59 19.92
CA LEU B 260 16.90 -1.08 21.30
C LEU B 260 17.46 0.26 21.34
N GLN B 261 18.44 0.57 20.49
CA GLN B 261 19.08 1.93 20.48
C GLN B 261 18.26 2.96 19.81
N ARG B 262 17.09 2.63 19.30
CA ARG B 262 16.20 3.64 18.71
C ARG B 262 15.02 3.88 19.65
N GLY B 263 14.97 3.38 20.82
CA GLY B 263 13.86 3.58 21.74
C GLY B 263 12.70 2.67 21.47
N ILE B 264 12.87 1.63 20.70
CA ILE B 264 11.85 0.68 20.32
C ILE B 264 11.89 -0.49 21.30
N VAL B 265 10.73 -1.00 21.72
CA VAL B 265 10.63 -2.25 22.44
C VAL B 265 10.58 -3.35 21.45
N VAL B 266 11.48 -4.31 21.51
CA VAL B 266 11.69 -5.22 20.44
C VAL B 266 11.34 -6.67 20.85
N LEU B 267 10.62 -7.38 20.00
CA LEU B 267 10.28 -8.76 20.19
C LEU B 267 11.30 -9.66 19.53
N ALA B 268 11.51 -10.87 20.03
CA ALA B 268 12.38 -11.85 19.40
C ALA B 268 11.76 -13.25 19.63
N LYS B 269 11.35 -13.99 18.64
CA LYS B 269 10.92 -15.38 18.86
C LYS B 269 12.07 -16.32 18.55
N SER B 270 12.32 -17.23 19.45
CA SER B 270 13.08 -18.47 19.21
C SER B 270 12.58 -19.60 20.08
N PHE B 271 12.41 -20.70 19.43
CA PHE B 271 12.16 -21.98 20.14
C PHE B 271 13.38 -22.86 20.24
N THR B 272 14.55 -22.28 20.15
CA THR B 272 15.83 -22.99 20.25
C THR B 272 16.53 -22.46 21.47
N GLU B 273 16.81 -23.30 22.48
CA GLU B 273 17.40 -22.89 23.75
C GLU B 273 18.64 -22.05 23.55
N LYS B 274 19.57 -22.47 22.71
CA LYS B 274 20.79 -21.70 22.57
C LYS B 274 20.51 -20.29 22.03
N ARG B 275 19.58 -20.12 21.10
CA ARG B 275 19.25 -18.85 20.53
C ARG B 275 18.47 -17.99 21.52
N ILE B 276 17.60 -18.55 22.36
CA ILE B 276 16.89 -17.82 23.37
C ILE B 276 17.93 -17.16 24.28
N LYS B 277 18.87 -17.96 24.74
CA LYS B 277 19.96 -17.41 25.61
C LYS B 277 20.78 -16.37 24.90
N GLU B 278 21.06 -16.57 23.62
CA GLU B 278 21.86 -15.57 22.82
C GLU B 278 21.09 -14.28 22.73
N ASN B 279 19.79 -14.35 22.47
CA ASN B 279 19.09 -13.13 22.16
C ASN B 279 19.10 -12.15 23.30
N ILE B 280 18.98 -12.64 24.53
CA ILE B 280 19.01 -11.79 25.71
C ILE B 280 20.42 -11.21 25.97
N GLN B 281 21.44 -11.66 25.27
CA GLN B 281 22.74 -11.04 25.31
C GLN B 281 22.76 -9.68 24.58
N VAL B 282 21.66 -9.26 24.01
CA VAL B 282 21.55 -7.94 23.37
C VAL B 282 21.93 -6.81 24.30
N PHE B 283 21.75 -7.04 25.62
CA PHE B 283 22.07 -6.07 26.64
C PHE B 283 23.56 -5.98 26.92
N GLU B 284 24.38 -6.85 26.35
CA GLU B 284 25.79 -6.96 26.72
C GLU B 284 26.74 -6.24 25.79
N PHE B 285 26.29 -5.47 24.84
CA PHE B 285 27.10 -4.72 23.96
C PHE B 285 26.33 -3.52 23.40
N GLN B 286 27.07 -2.59 22.76
CA GLN B 286 26.47 -1.42 22.13
C GLN B 286 27.00 -1.20 20.73
N LEU B 287 26.19 -0.58 19.91
CA LEU B 287 26.61 -0.14 18.57
C LEU B 287 26.98 1.33 18.55
N PRO B 288 28.03 1.73 17.95
CA PRO B 288 28.30 3.18 17.81
C PRO B 288 27.35 3.84 16.86
N SER B 289 27.19 5.13 16.98
CA SER B 289 26.27 5.94 16.14
C SER B 289 26.55 5.76 14.67
N GLU B 290 27.83 5.66 14.28
CA GLU B 290 28.17 5.46 12.84
C GLU B 290 27.63 4.19 12.32
N ASP B 291 27.60 3.13 13.10
CA ASP B 291 27.09 1.82 12.65
C ASP B 291 25.58 1.84 12.61
N MET B 292 24.91 2.55 13.52
CA MET B 292 23.47 2.77 13.41
C MET B 292 23.11 3.39 12.11
N LYS B 293 23.86 4.44 11.65
CA LYS B 293 23.60 5.11 10.40
C LYS B 293 23.81 4.20 9.27
N VAL B 294 24.84 3.37 9.31
CA VAL B 294 25.01 2.38 8.28
C VAL B 294 23.87 1.38 8.18
N ILE B 295 23.34 0.92 9.29
CA ILE B 295 22.19 0.03 9.28
C ILE B 295 20.98 0.73 8.72
N ASP B 296 20.82 2.02 8.96
CA ASP B 296 19.71 2.80 8.38
C ASP B 296 19.77 2.74 6.85
N SER B 297 20.90 2.55 6.21
CA SER B 297 20.98 2.47 4.77
C SER B 297 20.37 1.21 4.18
N LEU B 298 20.03 0.18 4.94
CA LEU B 298 19.43 -1.03 4.44
C LEU B 298 17.95 -0.87 4.17
N ASN B 299 17.34 0.21 4.59
CA ASN B 299 15.88 0.39 4.49
C ASN B 299 15.42 0.24 3.08
N ARG B 300 14.38 -0.53 2.88
CA ARG B 300 13.77 -0.72 1.57
C ARG B 300 12.28 -0.75 1.58
N ASN B 301 11.64 -0.38 2.68
CA ASN B 301 10.23 -0.50 2.88
C ASN B 301 9.71 -1.84 2.43
N PHE B 302 10.40 -2.91 2.81
CA PHE B 302 9.97 -4.32 2.53
C PHE B 302 9.23 -4.87 3.68
N ARG B 303 8.01 -5.34 3.49
CA ARG B 303 7.17 -5.93 4.46
C ARG B 303 7.09 -7.44 4.38
N TYR B 304 7.42 -8.18 5.37
CA TYR B 304 7.19 -9.60 5.47
C TYR B 304 5.74 -9.88 5.69
N VAL B 305 5.08 -9.02 6.39
CA VAL B 305 3.68 -9.14 6.82
C VAL B 305 2.83 -8.14 6.10
N THR B 306 2.16 -8.59 5.01
CA THR B 306 1.30 -7.71 4.19
C THR B 306 -0.13 -7.87 4.52
N ALA B 307 -0.56 -8.84 5.24
CA ALA B 307 -1.95 -8.99 5.60
C ALA B 307 -2.88 -9.03 4.41
N ASP B 308 -2.54 -9.90 3.45
CA ASP B 308 -3.30 -9.96 2.23
C ASP B 308 -4.75 -10.26 2.43
N PHE B 309 -5.18 -10.92 3.53
CA PHE B 309 -6.55 -11.22 3.76
C PHE B 309 -7.36 -9.93 3.82
N ALA B 310 -6.70 -8.85 4.18
CA ALA B 310 -7.38 -7.58 4.37
C ALA B 310 -7.30 -6.67 3.16
N ILE B 311 -6.72 -7.09 2.06
CA ILE B 311 -6.68 -6.28 0.87
C ILE B 311 -8.05 -6.13 0.42
N GLY B 312 -8.57 -4.93 0.12
CA GLY B 312 -9.92 -4.63 -0.24
C GLY B 312 -10.78 -4.20 0.96
N HIS B 313 -10.21 -4.22 2.16
CA HIS B 313 -10.92 -3.70 3.36
C HIS B 313 -10.72 -2.20 3.43
N PRO B 314 -11.73 -1.40 3.69
CA PRO B 314 -11.49 0.06 3.77
C PRO B 314 -10.49 0.49 4.79
N ASN B 315 -10.22 -0.31 5.82
CA ASN B 315 -9.25 0.00 6.84
C ASN B 315 -7.90 -0.72 6.69
N TYR B 316 -7.65 -1.23 5.48
CA TYR B 316 -6.37 -1.81 5.20
C TYR B 316 -5.27 -0.81 5.57
N PRO B 317 -4.25 -1.17 6.40
CA PRO B 317 -3.38 -0.14 6.97
C PRO B 317 -2.19 0.22 6.15
N PHE B 318 -1.81 -0.57 5.18
CA PHE B 318 -0.46 -0.42 4.60
C PHE B 318 -0.45 0.27 3.27
N SER B 319 -1.53 0.85 2.82
CA SER B 319 -1.53 1.72 1.62
C SER B 319 -0.87 3.10 1.86
N ASP B 320 -1.19 3.70 3.02
CA ASP B 320 -0.68 5.04 3.38
C ASP B 320 0.86 4.95 3.51
N GLU B 321 1.53 6.07 3.19
CA GLU B 321 2.97 6.08 3.25
C GLU B 321 3.45 5.61 4.65
N TYR B 322 2.80 6.04 5.70
CA TYR B 322 3.03 5.44 6.98
C TYR B 322 1.90 5.79 7.86
#